data_5EOC
#
_entry.id   5EOC
#
_cell.length_a   54.972
_cell.length_b   56.191
_cell.length_c   77.153
_cell.angle_alpha   90.35
_cell.angle_beta   90.18
_cell.angle_gamma   94.98
#
_symmetry.space_group_name_H-M   'P 1'
#
loop_
_entity.id
_entity.type
_entity.pdbx_description
1 polymer 'Fab fragment (Heavy chain)'
2 polymer 'Fab fragment (Light chain)'
3 polymer 'Fab fragment (Heavy chain)'
4 polymer ALA-CYS-GLN-LEU-ILE-ASN-THR-ASN-GLY-SER-TRP-HIS-ILE-CYS
5 water water
#
loop_
_entity_poly.entity_id
_entity_poly.type
_entity_poly.pdbx_seq_one_letter_code
_entity_poly.pdbx_strand_id
1 'polypeptide(L)'
;EVQLQQPGAELVRPGGSVKLSCKASGYSFTTYWMNWVKQRPGQGLEWIGMIQPSDSETRLNQKFKDKATLTLDRSSSTVY
MQLSSPTSDDSAVYYCARTGRGDAWLTYWGQGTSVTVSSAKTTPPSVYPLAPGSAANSMVTLGCLVKGYFPEPVTVTWNS
GSLSSGVHTFPAVLQSDLYTLSSSVTVPSSTWPSETVTCNVAHPASSTKVDKKIVPR
;
H
2 'polypeptide(L)'
;NIVLTQSPVSLAVSLGQRATISCRASKSVSTSGYSYMHWYQQKPGQPPRLLLYLGSNLESGVPARFSGSGSGTDFTLNIH
PVEEEDAATYYCQHIRELTRSFGGGTKLEIKRADAAPTVSIFPPSSEQLTSGGASVVCFLNNFYPKDINVKWKIDGSERQ
NGVLNSWTDQDSKDSTYSMSSTLTLTKDEYERHNSYTCEATHKTSTSPIVKSFNRN
;
L,M
3 'polypeptide(L)'
;EVQLQQPGAELVRPGGSVKLSCKASGYSFTTYWMMWVKQRPGQGLEWIGMIQPSDSETRLNQKFKDKATLTLDRSSSTVY
MQLSSPTSDDSAVYYCARTGRGDAWLTYWGQGTSVTVSSAKTTPPSVYPLAPGSAANSMVTLGCLVKGYFPEPVTVTWNS
GSLSSGVHTFPAVLQSDLYTLSSSVTVPSSTWPSETVTCNVAHPASSTKVDKKIVPR
;
J
4 'polypeptide(L)' ACQLINTNGSWHIC P,Q
#
# COMPACT_ATOMS: atom_id res chain seq x y z
N GLU A 1 13.66 15.16 -39.73
CA GLU A 1 13.57 13.92 -38.95
C GLU A 1 12.13 13.47 -38.84
N VAL A 2 11.92 12.16 -38.88
CA VAL A 2 10.58 11.60 -38.80
C VAL A 2 10.02 11.78 -37.36
N GLN A 3 8.77 12.24 -37.28
CA GLN A 3 8.10 12.56 -36.03
C GLN A 3 6.60 12.29 -36.09
N LEU A 4 6.14 11.59 -35.06
CA LEU A 4 4.74 11.24 -34.89
C LEU A 4 4.23 12.03 -33.71
N GLN A 5 3.37 13.01 -34.00
CA GLN A 5 2.81 13.91 -33.00
C GLN A 5 1.47 13.39 -32.39
N GLN A 6 1.49 13.08 -31.10
CA GLN A 6 0.27 12.66 -30.38
C GLN A 6 0.01 13.53 -29.16
N PRO A 7 -1.26 13.92 -28.92
CA PRO A 7 -1.57 14.62 -27.67
C PRO A 7 -1.17 13.81 -26.43
N GLY A 8 -0.82 14.50 -25.35
CA GLY A 8 -0.40 13.86 -24.09
C GLY A 8 -1.46 12.97 -23.48
N ALA A 9 -2.68 13.50 -23.34
CA ALA A 9 -3.81 12.71 -22.84
C ALA A 9 -5.20 13.08 -23.40
N GLU A 10 -6.15 12.19 -23.20
CA GLU A 10 -7.56 12.44 -23.54
C GLU A 10 -8.47 12.02 -22.37
N LEU A 11 -9.23 12.97 -21.82
CA LEU A 11 -10.27 12.68 -20.84
C LEU A 11 -11.60 12.49 -21.57
N VAL A 12 -12.25 11.36 -21.33
CA VAL A 12 -13.44 10.95 -22.07
C VAL A 12 -14.54 10.43 -21.13
N ARG A 13 -15.73 11.04 -21.17
CA ARG A 13 -16.83 10.57 -20.35
C ARG A 13 -17.16 9.14 -20.81
N PRO A 14 -17.52 8.22 -19.86
CA PRO A 14 -17.89 6.90 -20.40
C PRO A 14 -19.06 7.08 -21.35
N GLY A 15 -19.12 6.25 -22.39
CA GLY A 15 -20.13 6.46 -23.44
C GLY A 15 -19.82 7.58 -24.42
N GLY A 16 -19.16 8.66 -24.00
CA GLY A 16 -18.82 9.78 -24.90
C GLY A 16 -18.01 9.28 -26.10
N SER A 17 -17.30 10.13 -26.78
CA SER A 17 -16.42 9.61 -27.83
C SER A 17 -15.07 10.24 -27.75
N VAL A 18 -14.13 9.65 -28.46
CA VAL A 18 -12.77 10.15 -28.48
C VAL A 18 -12.14 9.70 -29.76
N LYS A 19 -11.36 10.58 -30.38
CA LYS A 19 -10.75 10.28 -31.66
C LYS A 19 -9.31 10.76 -31.59
N LEU A 20 -8.40 9.80 -31.43
CA LEU A 20 -7.00 10.07 -31.19
C LEU A 20 -6.32 10.45 -32.49
N SER A 21 -5.36 11.37 -32.40
CA SER A 21 -4.68 11.91 -33.57
C SER A 21 -3.20 11.62 -33.52
N CYS A 22 -2.63 11.40 -34.69
CA CYS A 22 -1.24 11.17 -34.85
C CYS A 22 -0.76 11.90 -36.12
N LYS A 23 -0.06 13.04 -35.95
CA LYS A 23 0.37 13.88 -37.08
C LYS A 23 1.78 13.52 -37.46
N ALA A 24 1.95 13.03 -38.68
CA ALA A 24 3.23 12.60 -39.20
C ALA A 24 3.94 13.80 -39.91
N SER A 25 5.25 13.91 -39.72
CA SER A 25 6.09 14.94 -40.38
C SER A 25 7.45 14.35 -40.67
N GLY A 26 8.25 15.00 -41.50
CA GLY A 26 9.60 14.49 -41.82
C GLY A 26 9.71 13.50 -42.97
N TYR A 27 8.57 13.14 -43.59
CA TYR A 27 8.57 12.21 -44.74
C TYR A 27 7.26 12.34 -45.55
N SER A 28 7.27 11.84 -46.79
CA SER A 28 6.07 11.79 -47.64
C SER A 28 5.00 10.94 -46.95
N PHE A 29 3.91 11.60 -46.58
CA PHE A 29 2.86 11.00 -45.78
C PHE A 29 2.31 9.73 -46.41
N THR A 30 2.31 9.68 -47.75
CA THR A 30 1.73 8.56 -48.48
C THR A 30 2.67 7.41 -48.76
N THR A 31 3.48 7.08 -47.74
CA THR A 31 4.38 5.95 -47.77
C THR A 31 4.30 5.22 -46.41
N TYR A 32 4.55 3.92 -46.43
CA TYR A 32 4.60 3.04 -45.24
C TYR A 32 3.20 2.80 -44.64
N TRP A 33 3.16 2.23 -43.43
CA TRP A 33 1.91 1.93 -42.74
C TRP A 33 1.95 2.56 -41.36
N MET A 34 0.83 3.14 -40.93
CA MET A 34 0.70 3.69 -39.60
C MET A 34 -0.08 2.68 -38.77
N ASN A 35 0.52 2.26 -37.66
CA ASN A 35 -0.05 1.28 -36.73
C ASN A 35 -0.44 1.92 -35.43
N TRP A 36 -1.46 1.32 -34.77
CA TRP A 36 -1.93 1.74 -33.47
C TRP A 36 -1.82 0.58 -32.46
N VAL A 37 -1.28 0.89 -31.27
CA VAL A 37 -0.92 -0.08 -30.25
C VAL A 37 -1.47 0.42 -28.89
N LYS A 38 -2.08 -0.49 -28.15
CA LYS A 38 -2.63 -0.21 -26.84
C LYS A 38 -1.72 -0.77 -25.74
N GLN A 39 -1.62 -0.04 -24.62
CA GLN A 39 -0.87 -0.49 -23.45
C GLN A 39 -1.38 0.10 -22.13
N ARG A 40 -1.86 -0.75 -21.24
CA ARG A 40 -2.16 -0.32 -19.89
C ARG A 40 -0.80 -0.07 -19.21
N PRO A 41 -0.62 1.08 -18.53
CA PRO A 41 0.68 1.27 -17.83
C PRO A 41 1.05 0.07 -16.94
N GLY A 42 2.30 -0.37 -16.97
CA GLY A 42 2.68 -1.60 -16.24
C GLY A 42 2.57 -2.90 -17.03
N GLN A 43 1.72 -2.94 -18.06
CA GLN A 43 1.41 -4.18 -18.79
C GLN A 43 2.03 -4.20 -20.20
N GLY A 44 1.62 -5.18 -21.00
CA GLY A 44 2.24 -5.41 -22.29
C GLY A 44 1.67 -4.57 -23.43
N LEU A 45 2.08 -4.93 -24.64
CA LEU A 45 1.60 -4.27 -25.85
C LEU A 45 0.57 -5.12 -26.58
N GLU A 46 -0.37 -4.44 -27.21
CA GLU A 46 -1.44 -5.09 -27.93
C GLU A 46 -1.72 -4.23 -29.17
N TRP A 47 -1.66 -4.88 -30.32
CA TRP A 47 -1.85 -4.26 -31.64
C TRP A 47 -3.32 -4.15 -32.03
N ILE A 48 -3.76 -2.92 -32.27
CA ILE A 48 -5.12 -2.60 -32.66
C ILE A 48 -5.31 -2.75 -34.15
N GLY A 49 -4.38 -2.25 -34.95
CA GLY A 49 -4.57 -2.20 -36.40
C GLY A 49 -3.61 -1.26 -37.10
N MET A 50 -3.71 -1.23 -38.42
CA MET A 50 -2.91 -0.34 -39.27
C MET A 50 -3.68 0.21 -40.45
N ILE A 51 -3.24 1.40 -40.88
CA ILE A 51 -3.74 2.04 -42.08
C ILE A 51 -2.54 2.36 -43.00
N GLN A 52 -2.73 2.15 -44.31
CA GLN A 52 -1.76 2.50 -45.33
C GLN A 52 -2.16 3.85 -45.92
N PRO A 53 -1.36 4.90 -45.69
CA PRO A 53 -1.81 6.20 -46.18
C PRO A 53 -1.90 6.35 -47.70
N SER A 54 -1.11 5.61 -48.48
CA SER A 54 -1.15 5.74 -49.95
C SER A 54 -2.55 5.49 -50.55
N ASP A 55 -3.30 4.54 -49.98
CA ASP A 55 -4.66 4.18 -50.49
C ASP A 55 -5.71 3.93 -49.40
N SER A 56 -5.39 4.26 -48.16
CA SER A 56 -6.31 4.03 -47.04
C SER A 56 -6.68 2.57 -46.77
N GLU A 57 -5.93 1.61 -47.30
CA GLU A 57 -6.20 0.20 -46.96
C GLU A 57 -6.08 0.16 -45.44
N THR A 58 -6.94 -0.62 -44.79
CA THR A 58 -6.81 -0.86 -43.36
C THR A 58 -6.79 -2.36 -43.03
N ARG A 59 -6.13 -2.67 -41.92
CA ARG A 59 -6.19 -3.98 -41.32
C ARG A 59 -6.43 -3.73 -39.84
N LEU A 60 -7.29 -4.56 -39.26
CA LEU A 60 -7.80 -4.34 -37.91
C LEU A 60 -7.79 -5.65 -37.14
N ASN A 61 -7.46 -5.56 -35.86
CA ASN A 61 -7.44 -6.70 -34.97
C ASN A 61 -8.89 -7.02 -34.61
N GLN A 62 -9.39 -8.14 -35.06
CA GLN A 62 -10.82 -8.44 -34.84
C GLN A 62 -11.34 -8.27 -33.37
N LYS A 63 -10.46 -8.34 -32.36
CA LYS A 63 -10.87 -8.03 -30.96
C LYS A 63 -11.36 -6.57 -30.78
N PHE A 64 -10.89 -5.67 -31.63
CA PHE A 64 -11.32 -4.29 -31.63
C PHE A 64 -12.32 -3.99 -32.79
N LYS A 65 -12.83 -5.04 -33.45
CA LYS A 65 -13.88 -4.94 -34.51
C LYS A 65 -14.88 -3.83 -34.30
N ASP A 66 -15.42 -3.77 -33.08
CA ASP A 66 -16.53 -2.87 -32.70
C ASP A 66 -16.09 -1.68 -31.84
N LYS A 67 -14.77 -1.57 -31.60
CA LYS A 67 -14.17 -0.49 -30.78
C LYS A 67 -13.40 0.54 -31.60
N ALA A 68 -12.51 0.07 -32.47
CA ALA A 68 -11.59 0.96 -33.18
C ALA A 68 -12.06 1.24 -34.60
N THR A 69 -12.11 2.54 -34.95
CA THR A 69 -12.18 2.96 -36.34
C THR A 69 -10.95 3.79 -36.79
N LEU A 70 -10.22 3.32 -37.79
CA LEU A 70 -9.02 4.02 -38.32
C LEU A 70 -9.36 4.82 -39.57
N THR A 71 -9.05 6.11 -39.55
CA THR A 71 -9.21 6.97 -40.69
C THR A 71 -7.96 7.85 -40.87
N LEU A 72 -8.01 8.77 -41.82
CA LEU A 72 -6.91 9.70 -42.02
C LEU A 72 -7.36 11.02 -42.67
N ASP A 73 -6.45 11.99 -42.70
CA ASP A 73 -6.64 13.28 -43.38
C ASP A 73 -5.32 13.63 -44.06
N ARG A 74 -5.26 13.40 -45.37
CA ARG A 74 -4.05 13.60 -46.17
C ARG A 74 -3.47 15.01 -46.09
N SER A 75 -4.33 16.01 -46.10
CA SER A 75 -3.86 17.39 -46.09
C SER A 75 -3.29 17.80 -44.72
N SER A 76 -3.68 17.06 -43.68
CA SER A 76 -3.25 17.26 -42.30
C SER A 76 -2.06 16.35 -41.95
N SER A 77 -1.75 15.46 -42.88
CA SER A 77 -0.76 14.42 -42.62
C SER A 77 -1.08 13.72 -41.31
N THR A 78 -2.36 13.52 -41.02
CA THR A 78 -2.76 12.97 -39.73
C THR A 78 -3.52 11.66 -39.93
N VAL A 79 -3.23 10.71 -39.04
CA VAL A 79 -3.93 9.46 -38.96
C VAL A 79 -4.79 9.47 -37.68
N TYR A 80 -5.99 8.87 -37.73
CA TYR A 80 -6.91 8.88 -36.58
C TYR A 80 -7.36 7.49 -36.14
N MET A 81 -7.55 7.33 -34.83
CA MET A 81 -8.29 6.19 -34.28
C MET A 81 -9.37 6.71 -33.35
N GLN A 82 -10.59 6.28 -33.62
CA GLN A 82 -11.76 6.60 -32.82
C GLN A 82 -12.14 5.35 -32.06
N LEU A 83 -12.45 5.52 -30.79
CA LEU A 83 -12.89 4.37 -30.01
C LEU A 83 -14.37 4.56 -29.75
N SER A 84 -15.18 3.55 -30.09
CA SER A 84 -16.63 3.53 -29.76
C SER A 84 -16.91 3.17 -28.27
N SER A 85 -18.00 3.75 -27.75
CA SER A 85 -18.52 3.46 -26.39
C SER A 85 -17.42 3.29 -25.34
N PRO A 86 -16.60 4.33 -25.11
CA PRO A 86 -15.49 4.18 -24.17
C PRO A 86 -15.95 3.74 -22.78
N THR A 87 -15.33 2.66 -22.28
CA THR A 87 -15.46 2.22 -20.88
C THR A 87 -14.12 2.45 -20.12
N SER A 88 -14.09 2.07 -18.84
CA SER A 88 -12.83 2.07 -18.07
C SER A 88 -11.81 1.11 -18.67
N ASP A 89 -12.26 0.10 -19.40
CA ASP A 89 -11.33 -0.84 -20.05
C ASP A 89 -10.57 -0.23 -21.22
N ASP A 90 -11.00 0.93 -21.72
CA ASP A 90 -10.30 1.54 -22.85
C ASP A 90 -9.25 2.52 -22.34
N SER A 91 -9.24 2.77 -21.03
CA SER A 91 -8.19 3.59 -20.38
C SER A 91 -6.83 2.90 -20.47
N ALA A 92 -5.92 3.55 -21.17
CA ALA A 92 -4.61 3.01 -21.58
C ALA A 92 -3.86 4.08 -22.39
N VAL A 93 -2.57 3.83 -22.58
CA VAL A 93 -1.77 4.58 -23.55
C VAL A 93 -2.01 3.93 -24.91
N TYR A 94 -2.21 4.76 -25.93
CA TYR A 94 -2.34 4.40 -27.33
C TYR A 94 -1.20 5.06 -28.10
N TYR A 95 -0.33 4.26 -28.69
CA TYR A 95 0.79 4.75 -29.48
C TYR A 95 0.42 4.63 -30.94
N CYS A 96 0.85 5.60 -31.72
CA CYS A 96 0.91 5.38 -33.16
C CYS A 96 2.36 5.08 -33.49
N ALA A 97 2.57 4.27 -34.50
CA ALA A 97 3.92 3.89 -34.91
C ALA A 97 3.95 3.60 -36.41
N ARG A 98 5.03 4.04 -37.06
CA ARG A 98 5.20 3.87 -38.47
C ARG A 98 6.23 2.78 -38.76
N THR A 99 5.90 1.93 -39.72
CA THR A 99 6.81 0.87 -40.14
C THR A 99 8.11 1.46 -40.70
N GLY A 100 9.25 0.79 -40.52
CA GLY A 100 10.54 1.28 -41.06
C GLY A 100 10.71 0.98 -42.55
N ARG A 101 10.30 -0.22 -42.94
CA ARG A 101 10.07 -0.56 -44.34
C ARG A 101 8.74 -1.26 -44.50
N GLY A 102 8.09 -1.04 -45.64
CA GLY A 102 6.83 -1.70 -45.98
C GLY A 102 5.80 -1.68 -44.86
N ASP A 103 5.30 -2.87 -44.52
CA ASP A 103 4.28 -3.06 -43.48
C ASP A 103 4.83 -3.73 -42.18
N ALA A 104 6.13 -3.69 -41.98
CA ALA A 104 6.77 -4.64 -41.06
C ALA A 104 7.16 -4.02 -39.70
N TRP A 105 8.44 -3.74 -39.50
CA TRP A 105 8.96 -3.41 -38.16
C TRP A 105 8.66 -1.94 -37.79
N LEU A 106 8.40 -1.67 -36.50
CA LEU A 106 7.97 -0.35 -36.05
C LEU A 106 9.14 0.56 -35.59
N THR A 107 9.71 1.29 -36.54
CA THR A 107 10.90 2.10 -36.34
C THR A 107 10.57 3.36 -35.56
N TYR A 108 9.50 4.04 -35.95
CA TYR A 108 9.16 5.35 -35.42
C TYR A 108 7.91 5.25 -34.56
N TRP A 109 7.95 5.87 -33.39
CA TRP A 109 6.85 5.85 -32.43
C TRP A 109 6.47 7.24 -31.90
N GLY A 110 5.17 7.47 -31.85
CA GLY A 110 4.64 8.58 -31.07
C GLY A 110 4.94 8.40 -29.60
N GLN A 111 4.71 9.45 -28.85
CA GLN A 111 4.99 9.48 -27.41
C GLN A 111 3.88 8.71 -26.68
N GLY A 112 2.71 8.61 -27.30
CA GLY A 112 1.57 7.91 -26.73
C GLY A 112 0.57 8.91 -26.18
N THR A 113 -0.72 8.62 -26.38
CA THR A 113 -1.80 9.36 -25.72
C THR A 113 -2.41 8.52 -24.60
N SER A 114 -2.33 9.03 -23.36
CA SER A 114 -3.02 8.34 -22.22
C SER A 114 -4.49 8.79 -22.24
N VAL A 115 -5.37 7.85 -22.59
CA VAL A 115 -6.79 8.04 -22.51
C VAL A 115 -7.29 7.63 -21.10
N THR A 116 -7.99 8.51 -20.40
CA THR A 116 -8.66 8.16 -19.15
C THR A 116 -10.15 8.25 -19.36
N VAL A 117 -10.87 7.15 -19.15
CA VAL A 117 -12.34 7.16 -19.32
C VAL A 117 -13.02 7.34 -17.99
N SER A 118 -13.48 8.57 -17.72
CA SER A 118 -13.96 8.94 -16.40
C SER A 118 -14.84 10.22 -16.38
N SER A 119 -15.92 10.13 -15.62
CA SER A 119 -16.80 11.26 -15.34
C SER A 119 -16.10 12.47 -14.72
N ALA A 120 -14.97 12.26 -14.04
CA ALA A 120 -14.50 13.22 -13.01
C ALA A 120 -14.04 14.53 -13.59
N LYS A 121 -13.75 15.50 -12.74
CA LYS A 121 -13.44 16.83 -13.24
C LYS A 121 -12.07 16.75 -13.87
N THR A 122 -11.69 17.77 -14.63
CA THR A 122 -10.29 17.94 -15.01
C THR A 122 -9.70 18.91 -13.99
N THR A 123 -8.76 18.43 -13.19
CA THR A 123 -8.18 19.25 -12.13
C THR A 123 -6.68 19.44 -12.38
N PRO A 124 -6.22 20.70 -12.44
CA PRO A 124 -4.81 20.97 -12.68
C PRO A 124 -4.01 20.79 -11.40
N PRO A 125 -2.72 20.44 -11.49
CA PRO A 125 -1.97 20.21 -10.26
C PRO A 125 -1.65 21.51 -9.56
N SER A 126 -1.45 21.47 -8.24
CA SER A 126 -0.71 22.56 -7.58
C SER A 126 0.72 22.10 -7.43
N VAL A 127 1.65 22.96 -7.78
CA VAL A 127 3.06 22.61 -7.74
C VAL A 127 3.67 23.32 -6.56
N TYR A 128 4.49 22.60 -5.80
CA TYR A 128 5.09 23.12 -4.60
C TYR A 128 6.56 22.84 -4.59
N PRO A 129 7.36 23.86 -4.26
CA PRO A 129 8.80 23.69 -4.17
C PRO A 129 9.15 22.97 -2.89
N LEU A 130 10.16 22.12 -2.98
CA LEU A 130 10.66 21.41 -1.84
C LEU A 130 12.14 21.80 -1.68
N ALA A 131 12.43 22.66 -0.70
CA ALA A 131 13.80 23.12 -0.43
C ALA A 131 14.21 22.71 1.01
N PRO A 132 15.49 22.35 1.23
CA PRO A 132 15.99 21.58 2.40
C PRO A 132 15.30 21.74 3.77
N SER A 138 28.48 19.11 -0.32
CA SER A 138 28.93 18.20 -1.38
C SER A 138 27.88 18.16 -2.48
N MET A 139 26.79 17.42 -2.26
CA MET A 139 25.65 17.37 -3.17
C MET A 139 24.40 17.80 -2.39
N VAL A 140 23.47 18.50 -3.03
CA VAL A 140 22.23 18.90 -2.37
C VAL A 140 21.02 18.39 -3.14
N THR A 141 20.05 17.82 -2.43
CA THR A 141 18.82 17.39 -3.06
C THR A 141 17.66 18.39 -2.87
N LEU A 142 16.94 18.58 -3.96
CA LEU A 142 15.80 19.51 -4.05
C LEU A 142 14.60 18.74 -4.60
N GLY A 143 13.41 19.31 -4.59
CA GLY A 143 12.34 18.68 -5.31
C GLY A 143 11.15 19.54 -5.62
N CYS A 144 10.19 18.90 -6.28
CA CYS A 144 8.89 19.48 -6.53
C CYS A 144 7.84 18.46 -6.19
N LEU A 145 6.77 18.95 -5.60
CA LEU A 145 5.60 18.12 -5.31
C LEU A 145 4.48 18.57 -6.18
N VAL A 146 4.01 17.69 -7.05
CA VAL A 146 2.91 17.98 -7.95
C VAL A 146 1.67 17.27 -7.44
N LYS A 147 0.77 18.03 -6.83
CA LYS A 147 -0.32 17.50 -6.01
C LYS A 147 -1.66 17.84 -6.58
N GLY A 148 -2.55 16.87 -6.62
CA GLY A 148 -3.97 17.12 -6.73
C GLY A 148 -4.47 17.27 -8.16
N TYR A 149 -3.94 16.44 -9.06
CA TYR A 149 -4.31 16.58 -10.49
C TYR A 149 -5.09 15.40 -10.97
N PHE A 150 -5.86 15.63 -12.03
CA PHE A 150 -6.59 14.59 -12.72
C PHE A 150 -6.87 15.01 -14.15
N PRO A 151 -6.79 14.07 -15.11
CA PRO A 151 -6.31 12.71 -14.98
C PRO A 151 -4.80 12.73 -15.23
N GLU A 152 -4.17 11.56 -15.28
CA GLU A 152 -2.77 11.49 -15.64
C GLU A 152 -2.62 11.86 -17.14
N PRO A 153 -1.38 12.13 -17.60
CA PRO A 153 -0.11 12.23 -16.85
C PRO A 153 0.30 13.66 -16.57
N VAL A 154 1.45 13.78 -15.91
CA VAL A 154 2.20 15.00 -15.69
C VAL A 154 3.64 14.75 -16.20
N THR A 155 4.28 15.78 -16.75
CA THR A 155 5.67 15.70 -17.23
C THR A 155 6.49 16.70 -16.46
N VAL A 156 7.59 16.24 -15.86
CA VAL A 156 8.43 17.11 -15.02
C VAL A 156 9.78 17.19 -15.70
N THR A 157 10.26 18.42 -15.90
CA THR A 157 11.65 18.64 -16.30
C THR A 157 12.28 19.61 -15.32
N TRP A 158 13.60 19.65 -15.29
CA TRP A 158 14.31 20.59 -14.45
C TRP A 158 15.15 21.51 -15.36
N ASN A 159 15.03 22.81 -15.15
CA ASN A 159 15.70 23.83 -16.00
C ASN A 159 15.45 23.63 -17.50
N SER A 160 14.17 23.63 -17.86
CA SER A 160 13.73 23.51 -19.27
C SER A 160 14.36 22.34 -20.02
N GLY A 161 14.92 21.38 -19.30
CA GLY A 161 15.57 20.22 -19.92
C GLY A 161 17.04 20.10 -19.60
N SER A 162 17.69 21.21 -19.21
CA SER A 162 19.16 21.27 -19.00
C SER A 162 19.71 20.47 -17.82
N LEU A 163 18.92 20.32 -16.75
CA LEU A 163 19.23 19.37 -15.68
C LEU A 163 18.57 18.04 -16.06
N SER A 164 19.36 17.13 -16.63
CA SER A 164 18.87 15.82 -17.10
C SER A 164 19.22 14.77 -16.07
N SER A 165 20.43 14.85 -15.52
CA SER A 165 20.98 13.77 -14.70
C SER A 165 20.79 14.04 -13.19
N GLY A 166 20.82 12.99 -12.38
CA GLY A 166 20.54 13.10 -10.95
C GLY A 166 19.08 13.41 -10.60
N VAL A 167 18.16 13.14 -11.53
CA VAL A 167 16.73 13.41 -11.35
C VAL A 167 15.96 12.10 -11.11
N HIS A 168 14.90 12.18 -10.27
CA HIS A 168 14.00 11.06 -10.01
C HIS A 168 12.56 11.57 -9.96
N THR A 169 11.77 11.13 -10.94
CA THR A 169 10.39 11.52 -11.00
C THR A 169 9.60 10.24 -10.76
N PHE A 170 8.93 10.21 -9.61
CA PHE A 170 8.35 9.01 -9.05
C PHE A 170 6.96 8.80 -9.67
N PRO A 171 6.51 7.53 -9.81
CA PRO A 171 5.13 7.30 -10.26
C PRO A 171 4.13 8.02 -9.39
N ALA A 172 3.06 8.52 -10.00
CA ALA A 172 1.99 9.18 -9.24
C ALA A 172 1.29 8.19 -8.31
N VAL A 173 0.76 8.69 -7.18
CA VAL A 173 -0.23 7.98 -6.35
C VAL A 173 -1.63 8.64 -6.42
N LEU A 174 -2.67 7.80 -6.36
CA LEU A 174 -4.05 8.22 -6.50
C LEU A 174 -4.73 8.25 -5.15
N GLN A 175 -5.30 9.38 -4.78
CA GLN A 175 -6.03 9.47 -3.52
C GLN A 175 -7.22 10.41 -3.66
N SER A 176 -8.37 9.85 -4.03
CA SER A 176 -9.64 10.58 -4.10
C SER A 176 -9.92 11.19 -5.48
N ASP A 177 -9.77 10.38 -6.54
CA ASP A 177 -9.84 10.87 -7.93
C ASP A 177 -8.78 11.94 -8.20
N LEU A 178 -7.74 12.01 -7.34
CA LEU A 178 -6.67 13.00 -7.49
C LEU A 178 -5.26 12.33 -7.37
N TYR A 179 -4.42 12.58 -8.38
CA TYR A 179 -3.05 12.09 -8.45
C TYR A 179 -2.10 13.07 -7.77
N THR A 180 -1.08 12.51 -7.12
CA THR A 180 0.03 13.29 -6.58
C THR A 180 1.35 12.60 -6.93
N LEU A 181 2.31 13.39 -7.38
CA LEU A 181 3.65 12.89 -7.62
C LEU A 181 4.72 13.89 -7.15
N SER A 182 5.93 13.38 -7.03
CA SER A 182 7.07 14.14 -6.59
C SER A 182 8.23 13.90 -7.54
N SER A 183 9.11 14.89 -7.64
CA SER A 183 10.32 14.76 -8.43
C SER A 183 11.47 15.26 -7.59
N SER A 184 12.59 14.57 -7.65
CA SER A 184 13.82 14.95 -6.94
C SER A 184 14.87 15.30 -7.93
N VAL A 185 15.78 16.21 -7.58
CA VAL A 185 16.97 16.50 -8.39
C VAL A 185 18.15 16.72 -7.47
N THR A 186 19.27 16.13 -7.82
CA THR A 186 20.50 16.23 -7.06
C THR A 186 21.55 16.98 -7.90
N VAL A 187 21.96 18.15 -7.40
CA VAL A 187 22.99 18.95 -8.04
C VAL A 187 24.18 19.21 -7.08
N PRO A 188 25.33 19.69 -7.60
CA PRO A 188 26.41 20.03 -6.64
C PRO A 188 26.06 21.26 -5.80
N SER A 189 26.48 21.30 -4.53
CA SER A 189 26.29 22.47 -3.65
C SER A 189 26.66 23.80 -4.33
N SER A 190 27.84 23.84 -4.95
CA SER A 190 28.32 25.06 -5.59
C SER A 190 27.30 25.60 -6.58
N THR A 191 26.52 24.70 -7.18
CA THR A 191 25.49 25.03 -8.19
C THR A 191 24.21 25.73 -7.65
N TRP A 192 23.88 25.51 -6.37
CA TRP A 192 22.67 26.08 -5.72
C TRP A 192 22.97 26.44 -4.26
N PRO A 193 22.46 27.58 -3.75
CA PRO A 193 21.53 28.57 -4.34
C PRO A 193 22.12 29.48 -5.43
N SER A 194 23.43 29.37 -5.65
CA SER A 194 24.16 30.15 -6.67
C SER A 194 23.44 30.27 -8.01
N GLU A 195 22.98 29.14 -8.53
CA GLU A 195 22.17 29.11 -9.76
C GLU A 195 20.71 28.68 -9.51
N THR A 196 19.80 29.35 -10.20
CA THR A 196 18.38 29.01 -10.21
C THR A 196 18.10 27.55 -10.62
N VAL A 197 17.27 26.87 -9.83
CA VAL A 197 16.80 25.51 -10.17
C VAL A 197 15.27 25.56 -10.13
N THR A 198 14.67 25.15 -11.24
CA THR A 198 13.25 25.34 -11.49
C THR A 198 12.68 24.05 -12.06
N CYS A 199 11.65 23.51 -11.42
CA CYS A 199 10.98 22.35 -11.99
C CYS A 199 9.90 22.83 -12.94
N ASN A 200 9.79 22.19 -14.08
CA ASN A 200 8.73 22.57 -15.04
C ASN A 200 7.72 21.44 -15.17
N VAL A 201 6.47 21.73 -14.87
CA VAL A 201 5.43 20.72 -14.80
C VAL A 201 4.47 20.93 -15.96
N ALA A 202 4.20 19.88 -16.72
CA ALA A 202 3.24 19.90 -17.75
C ALA A 202 2.11 18.97 -17.33
N HIS A 203 0.88 19.43 -17.46
CA HIS A 203 -0.30 18.60 -17.27
C HIS A 203 -1.17 18.69 -18.55
N PRO A 204 -0.92 17.79 -19.52
CA PRO A 204 -1.50 17.97 -20.87
C PRO A 204 -3.02 18.08 -20.89
N ALA A 205 -3.71 17.19 -20.16
CA ALA A 205 -5.18 17.10 -20.21
C ALA A 205 -5.92 18.37 -19.84
N SER A 206 -5.22 19.34 -19.24
CA SER A 206 -5.82 20.62 -18.89
C SER A 206 -5.08 21.78 -19.55
N SER A 207 -4.16 21.46 -20.45
CA SER A 207 -3.29 22.43 -21.13
C SER A 207 -2.45 23.32 -20.22
N THR A 208 -2.08 22.79 -19.05
CA THR A 208 -1.31 23.54 -18.03
C THR A 208 0.20 23.35 -18.10
N LYS A 209 0.94 24.44 -17.87
CA LYS A 209 2.40 24.41 -17.75
C LYS A 209 2.78 25.35 -16.61
N VAL A 210 3.34 24.80 -15.53
CA VAL A 210 3.75 25.58 -14.34
C VAL A 210 5.26 25.52 -14.19
N ASP A 211 5.87 26.66 -13.93
CA ASP A 211 7.29 26.70 -13.56
C ASP A 211 7.36 27.19 -12.11
N LYS A 212 8.26 26.59 -11.33
CA LYS A 212 8.40 26.89 -9.93
C LYS A 212 9.88 26.78 -9.56
N LYS A 213 10.49 27.91 -9.30
CA LYS A 213 11.89 27.95 -8.86
C LYS A 213 11.95 27.49 -7.44
N ILE A 214 12.96 26.70 -7.09
CA ILE A 214 13.19 26.27 -5.72
C ILE A 214 14.04 27.34 -5.03
N VAL A 215 13.43 28.08 -4.11
CA VAL A 215 14.14 29.14 -3.37
C VAL A 215 14.48 28.65 -1.96
N PRO A 216 15.69 28.96 -1.45
CA PRO A 216 15.99 28.53 -0.08
C PRO A 216 15.18 29.31 0.96
N ARG A 217 15.05 28.72 2.15
CA ARG A 217 14.03 29.14 3.12
C ARG A 217 14.22 30.53 3.70
N ASN B 1 -5.16 -16.61 -34.32
CA ASN B 1 -4.06 -15.66 -34.03
C ASN B 1 -2.78 -16.42 -33.62
N ILE B 2 -1.62 -15.91 -34.00
CA ILE B 2 -0.34 -16.44 -33.49
C ILE B 2 -0.17 -15.92 -32.04
N VAL B 3 0.01 -16.82 -31.07
CA VAL B 3 0.38 -16.41 -29.69
C VAL B 3 1.88 -16.43 -29.56
N LEU B 4 2.46 -15.34 -29.04
CA LEU B 4 3.92 -15.29 -28.86
C LEU B 4 4.23 -15.49 -27.36
N THR B 5 4.94 -16.55 -27.03
CA THR B 5 5.30 -16.82 -25.64
C THR B 5 6.79 -16.57 -25.41
N GLN B 6 7.09 -15.63 -24.51
CA GLN B 6 8.47 -15.31 -24.12
C GLN B 6 8.86 -15.99 -22.81
N SER B 7 10.17 -16.16 -22.60
CA SER B 7 10.70 -16.65 -21.34
C SER B 7 12.15 -16.19 -21.10
N PRO B 8 12.50 -15.89 -19.84
CA PRO B 8 11.63 -15.96 -18.68
C PRO B 8 10.75 -14.73 -18.57
N VAL B 9 9.84 -14.76 -17.61
CA VAL B 9 9.00 -13.60 -17.33
C VAL B 9 9.90 -12.41 -16.91
N SER B 10 10.96 -12.68 -16.15
CA SER B 10 12.01 -11.69 -15.80
C SER B 10 13.33 -12.36 -15.43
N LEU B 11 14.43 -11.60 -15.51
CA LEU B 11 15.76 -12.12 -15.17
C LEU B 11 16.68 -11.03 -14.64
N ALA B 12 17.53 -11.39 -13.67
CA ALA B 12 18.59 -10.52 -13.16
C ALA B 12 19.96 -10.98 -13.70
N VAL B 13 20.74 -10.03 -14.21
CA VAL B 13 22.06 -10.31 -14.80
C VAL B 13 23.10 -9.24 -14.40
N SER B 14 24.21 -9.68 -13.80
CA SER B 14 25.27 -8.77 -13.32
C SER B 14 25.88 -7.91 -14.42
N LEU B 15 26.50 -6.81 -14.00
CA LEU B 15 27.03 -5.76 -14.86
C LEU B 15 27.97 -6.17 -16.00
N GLY B 16 28.48 -7.39 -16.00
CA GLY B 16 29.27 -7.91 -17.14
C GLY B 16 28.68 -9.16 -17.79
N GLN B 17 27.76 -9.80 -17.07
CA GLN B 17 27.20 -11.12 -17.38
C GLN B 17 26.35 -11.11 -18.68
N ARG B 18 25.58 -12.19 -18.89
CA ARG B 18 24.83 -12.44 -20.13
C ARG B 18 23.32 -12.46 -19.89
N ALA B 19 22.57 -11.82 -20.79
CA ALA B 19 21.12 -11.94 -20.82
C ALA B 19 20.73 -12.56 -22.15
N THR B 20 19.95 -13.63 -22.06
CA THR B 20 19.45 -14.37 -23.22
C THR B 20 17.93 -14.47 -23.06
N ILE B 21 17.19 -13.88 -23.98
CA ILE B 21 15.74 -13.85 -23.88
C ILE B 21 15.15 -14.64 -25.03
N SER B 22 14.09 -15.39 -24.75
CA SER B 22 13.54 -16.32 -25.73
C SER B 22 12.09 -15.99 -26.15
N CYS B 23 11.76 -16.24 -27.42
CA CYS B 23 10.41 -16.01 -27.95
C CYS B 23 9.98 -17.15 -28.88
N ARG B 24 8.92 -17.85 -28.51
CA ARG B 24 8.36 -18.92 -29.33
C ARG B 24 6.97 -18.55 -29.88
N ALA B 25 6.82 -18.66 -31.20
CA ALA B 25 5.53 -18.41 -31.88
C ALA B 25 4.69 -19.70 -32.02
N SER B 26 3.36 -19.53 -32.10
CA SER B 26 2.40 -20.63 -32.24
C SER B 26 2.56 -21.42 -33.54
N LYS B 27 3.15 -20.79 -34.54
CA LYS B 27 3.37 -21.40 -35.84
C LYS B 27 4.47 -20.56 -36.46
N SER B 28 5.01 -20.98 -37.61
CA SER B 28 6.17 -20.32 -38.17
C SER B 28 5.90 -18.84 -38.48
N VAL B 29 6.92 -18.00 -38.33
CA VAL B 29 6.86 -16.61 -38.80
C VAL B 29 7.90 -16.39 -39.90
N SER B 30 8.30 -17.49 -40.53
CA SER B 30 9.27 -17.46 -41.62
C SER B 30 8.61 -17.72 -42.97
N THR B 31 9.14 -17.06 -43.98
CA THR B 31 8.74 -17.27 -45.36
C THR B 31 9.94 -16.84 -46.21
N SER B 32 10.25 -17.59 -47.25
CA SER B 32 11.43 -17.33 -48.04
C SER B 32 12.68 -17.20 -47.14
N GLY B 33 13.60 -16.31 -47.50
CA GLY B 33 14.78 -16.02 -46.67
C GLY B 33 14.52 -15.03 -45.54
N TYR B 34 13.24 -14.76 -45.24
CA TYR B 34 12.82 -13.82 -44.16
C TYR B 34 12.17 -14.47 -42.95
N SER B 35 12.60 -14.02 -41.76
CA SER B 35 11.89 -14.31 -40.49
C SER B 35 11.24 -13.02 -39.98
N TYR B 36 9.90 -12.95 -40.00
CA TYR B 36 9.17 -11.76 -39.55
C TYR B 36 9.00 -11.72 -38.05
N MET B 37 10.13 -11.69 -37.33
CA MET B 37 10.16 -11.49 -35.90
C MET B 37 10.97 -10.25 -35.55
N HIS B 38 10.48 -9.45 -34.61
CA HIS B 38 11.12 -8.17 -34.34
C HIS B 38 11.20 -7.99 -32.83
N TRP B 39 12.19 -7.23 -32.39
CA TRP B 39 12.39 -7.01 -30.97
C TRP B 39 12.42 -5.52 -30.63
N TYR B 40 11.88 -5.26 -29.44
CA TYR B 40 11.77 -3.92 -28.89
C TYR B 40 12.25 -3.81 -27.43
N GLN B 41 12.71 -2.61 -27.10
CA GLN B 41 13.06 -2.26 -25.74
C GLN B 41 12.22 -1.10 -25.21
N GLN B 42 11.71 -1.29 -24.00
CA GLN B 42 10.93 -0.29 -23.31
C GLN B 42 11.39 -0.02 -21.87
N LYS B 43 11.51 1.26 -21.56
CA LYS B 43 11.79 1.76 -20.24
C LYS B 43 10.57 2.57 -19.83
N PRO B 44 10.24 2.58 -18.52
CA PRO B 44 9.01 3.22 -18.04
C PRO B 44 8.84 4.63 -18.56
N GLY B 45 7.59 5.02 -18.83
CA GLY B 45 7.26 6.35 -19.33
C GLY B 45 7.68 6.69 -20.75
N GLN B 46 8.14 5.71 -21.52
CA GLN B 46 8.59 5.95 -22.91
C GLN B 46 7.95 4.94 -23.84
N PRO B 47 7.82 5.28 -25.14
CA PRO B 47 7.44 4.28 -26.12
C PRO B 47 8.51 3.21 -26.30
N PRO B 48 8.13 2.02 -26.82
CA PRO B 48 9.14 1.06 -27.25
C PRO B 48 10.09 1.62 -28.32
N ARG B 49 11.28 1.04 -28.30
CA ARG B 49 12.39 1.38 -29.17
CA ARG B 49 12.36 1.38 -29.20
C ARG B 49 12.69 0.10 -29.94
N LEU B 50 12.60 0.13 -31.28
CA LEU B 50 12.99 -1.02 -32.08
C LEU B 50 14.51 -1.28 -31.94
N LEU B 51 14.86 -2.50 -31.51
CA LEU B 51 16.24 -2.96 -31.48
C LEU B 51 16.60 -3.81 -32.71
N LEU B 52 15.83 -4.86 -32.95
CA LEU B 52 16.13 -5.82 -34.00
C LEU B 52 14.92 -6.06 -34.86
N TYR B 53 15.14 -6.09 -36.17
CA TYR B 53 14.10 -6.45 -37.13
C TYR B 53 14.55 -7.61 -38.00
N LEU B 54 13.57 -8.41 -38.45
CA LEU B 54 13.82 -9.54 -39.33
C LEU B 54 14.80 -10.47 -38.64
N GLY B 55 14.55 -10.75 -37.37
CA GLY B 55 15.31 -11.75 -36.62
C GLY B 55 16.70 -11.35 -36.17
N SER B 56 17.48 -10.69 -37.04
CA SER B 56 18.93 -10.50 -36.82
C SER B 56 19.52 -9.20 -37.37
N ASN B 57 18.67 -8.25 -37.76
CA ASN B 57 19.15 -6.98 -38.30
C ASN B 57 19.04 -5.88 -37.24
N LEU B 58 20.17 -5.29 -36.87
CA LEU B 58 20.21 -4.23 -35.87
C LEU B 58 19.71 -2.96 -36.52
N GLU B 59 18.73 -2.31 -35.91
CA GLU B 59 18.31 -1.00 -36.37
C GLU B 59 19.47 -0.01 -36.21
N SER B 60 19.47 1.03 -37.05
CA SER B 60 20.49 2.08 -37.04
C SER B 60 20.61 2.78 -35.69
N GLY B 61 21.82 2.82 -35.14
CA GLY B 61 22.08 3.45 -33.86
C GLY B 61 22.07 2.50 -32.68
N VAL B 62 21.57 1.29 -32.88
CA VAL B 62 21.47 0.33 -31.78
C VAL B 62 22.82 -0.36 -31.56
N PRO B 63 23.32 -0.34 -30.32
CA PRO B 63 24.65 -0.87 -30.05
C PRO B 63 24.86 -2.31 -30.51
N ALA B 64 26.05 -2.58 -31.04
CA ALA B 64 26.46 -3.93 -31.48
C ALA B 64 26.39 -4.98 -30.37
N ARG B 65 26.26 -4.52 -29.13
CA ARG B 65 26.07 -5.38 -27.97
C ARG B 65 24.74 -6.18 -27.98
N PHE B 66 23.79 -5.76 -28.83
CA PHE B 66 22.50 -6.47 -28.99
C PHE B 66 22.56 -7.37 -30.22
N SER B 67 22.09 -8.60 -30.09
CA SER B 67 22.08 -9.54 -31.22
C SER B 67 20.89 -10.48 -31.14
N GLY B 68 20.31 -10.74 -32.31
CA GLY B 68 19.16 -11.61 -32.43
C GLY B 68 19.41 -12.78 -33.38
N SER B 69 18.80 -13.90 -33.05
CA SER B 69 18.87 -15.07 -33.87
C SER B 69 17.57 -15.85 -33.76
N GLY B 70 17.37 -16.76 -34.70
CA GLY B 70 16.19 -17.61 -34.73
C GLY B 70 15.67 -17.86 -36.13
N SER B 71 14.71 -18.78 -36.19
CA SER B 71 14.19 -19.34 -37.43
C SER B 71 12.82 -19.87 -37.08
N GLY B 72 11.86 -19.72 -37.97
CA GLY B 72 10.58 -20.38 -37.78
C GLY B 72 9.76 -20.01 -36.55
N THR B 73 9.81 -20.85 -35.51
CA THR B 73 9.00 -20.66 -34.32
C THR B 73 9.82 -20.36 -33.06
N ASP B 74 11.15 -20.25 -33.18
CA ASP B 74 12.01 -20.04 -32.00
C ASP B 74 12.98 -18.90 -32.26
N PHE B 75 12.99 -17.95 -31.32
CA PHE B 75 13.79 -16.74 -31.46
C PHE B 75 14.48 -16.35 -30.17
N THR B 76 15.64 -15.74 -30.34
CA THR B 76 16.55 -15.48 -29.25
C THR B 76 17.05 -14.05 -29.28
N LEU B 77 16.91 -13.35 -28.14
CA LEU B 77 17.54 -12.05 -27.95
C LEU B 77 18.72 -12.23 -27.01
N ASN B 78 19.90 -11.89 -27.51
CA ASN B 78 21.12 -11.92 -26.74
C ASN B 78 21.69 -10.51 -26.62
N ILE B 79 22.20 -10.19 -25.44
CA ILE B 79 22.80 -8.89 -25.15
C ILE B 79 24.25 -9.04 -24.66
N HIS B 80 25.20 -8.71 -25.56
CA HIS B 80 26.68 -8.84 -25.41
C HIS B 80 27.24 -8.68 -24.00
N PRO B 81 27.97 -7.58 -23.75
CA PRO B 81 28.18 -7.14 -22.35
C PRO B 81 26.97 -6.30 -21.87
N VAL B 82 26.30 -6.71 -20.81
CA VAL B 82 25.13 -5.97 -20.33
C VAL B 82 25.56 -4.67 -19.62
N GLU B 83 25.18 -3.53 -20.18
CA GLU B 83 25.40 -2.24 -19.54
C GLU B 83 24.18 -1.83 -18.68
N GLU B 84 24.35 -0.82 -17.86
CA GLU B 84 23.32 -0.39 -16.93
C GLU B 84 22.05 0.12 -17.63
N GLU B 85 22.25 0.80 -18.74
CA GLU B 85 21.15 1.34 -19.55
C GLU B 85 20.25 0.26 -20.19
N ASP B 86 20.57 -1.02 -19.98
CA ASP B 86 19.77 -2.13 -20.55
C ASP B 86 18.61 -2.59 -19.67
N ALA B 87 18.54 -2.04 -18.47
CA ALA B 87 17.40 -2.27 -17.60
C ALA B 87 16.17 -1.71 -18.35
N ALA B 88 15.24 -2.62 -18.63
CA ALA B 88 14.15 -2.42 -19.56
C ALA B 88 13.27 -3.66 -19.54
N THR B 89 12.16 -3.57 -20.28
CA THR B 89 11.34 -4.71 -20.64
C THR B 89 11.50 -4.88 -22.15
N TYR B 90 11.61 -6.14 -22.58
CA TYR B 90 11.93 -6.48 -23.95
C TYR B 90 10.78 -7.25 -24.54
N TYR B 91 10.38 -6.89 -25.76
CA TYR B 91 9.23 -7.51 -26.38
C TYR B 91 9.59 -8.05 -27.76
N CYS B 92 9.10 -9.25 -28.06
CA CYS B 92 9.16 -9.76 -29.40
C CYS B 92 7.85 -9.43 -30.06
N GLN B 93 7.89 -9.29 -31.38
CA GLN B 93 6.70 -8.95 -32.18
C GLN B 93 6.87 -9.52 -33.57
N HIS B 94 5.81 -10.12 -34.11
CA HIS B 94 5.81 -10.69 -35.46
C HIS B 94 5.11 -9.78 -36.47
N ILE B 95 5.62 -9.76 -37.70
CA ILE B 95 4.99 -9.08 -38.83
C ILE B 95 4.47 -10.10 -39.88
N ARG B 96 4.47 -11.40 -39.56
CA ARG B 96 4.06 -12.44 -40.51
C ARG B 96 2.63 -12.32 -41.07
N GLU B 97 1.66 -12.03 -40.22
CA GLU B 97 0.25 -12.00 -40.65
C GLU B 97 -0.56 -10.92 -39.92
N LEU B 98 -1.78 -10.67 -40.42
CA LEU B 98 -2.63 -9.62 -39.86
C LEU B 98 -3.18 -10.10 -38.54
N THR B 99 -3.28 -9.14 -37.61
CA THR B 99 -3.14 -9.33 -36.19
C THR B 99 -1.67 -9.61 -35.94
N ARG B 100 -0.93 -8.52 -35.81
CA ARG B 100 0.39 -8.54 -35.21
C ARG B 100 0.15 -8.91 -33.75
N SER B 101 1.09 -9.65 -33.17
CA SER B 101 1.06 -10.06 -31.77
C SER B 101 2.40 -9.73 -31.20
N PHE B 102 2.39 -9.33 -29.95
CA PHE B 102 3.62 -9.15 -29.22
C PHE B 102 3.79 -10.32 -28.22
N GLY B 103 5.04 -10.64 -27.86
CA GLY B 103 5.27 -11.43 -26.65
C GLY B 103 4.84 -10.70 -25.39
N GLY B 104 4.80 -11.42 -24.27
CA GLY B 104 4.32 -10.88 -22.99
C GLY B 104 5.32 -9.97 -22.30
N GLY B 105 6.55 -9.94 -22.80
CA GLY B 105 7.55 -9.08 -22.24
C GLY B 105 8.49 -9.84 -21.34
N THR B 106 9.71 -9.32 -21.24
CA THR B 106 10.70 -9.82 -20.30
C THR B 106 11.44 -8.63 -19.70
N LYS B 107 11.26 -8.44 -18.40
CA LYS B 107 11.93 -7.39 -17.64
C LYS B 107 13.35 -7.85 -17.28
N LEU B 108 14.33 -7.08 -17.75
CA LEU B 108 15.72 -7.29 -17.39
C LEU B 108 16.09 -6.34 -16.25
N GLU B 109 16.49 -6.92 -15.12
CA GLU B 109 17.02 -6.21 -14.00
C GLU B 109 18.54 -6.43 -13.99
N ILE B 110 19.29 -5.39 -13.61
CA ILE B 110 20.73 -5.49 -13.48
C ILE B 110 21.10 -5.77 -12.01
N LYS B 111 22.14 -6.59 -11.84
CA LYS B 111 22.65 -6.97 -10.54
C LYS B 111 23.88 -6.09 -10.22
N ARG B 112 24.06 -5.79 -8.93
CA ARG B 112 24.81 -4.62 -8.52
C ARG B 112 25.26 -4.74 -7.07
N ALA B 113 26.40 -4.14 -6.73
CA ALA B 113 26.84 -4.03 -5.34
C ALA B 113 25.86 -3.15 -4.54
N ASP B 114 25.73 -3.41 -3.24
CA ASP B 114 24.78 -2.69 -2.39
C ASP B 114 25.14 -1.19 -2.34
N ALA B 115 24.13 -0.33 -2.14
CA ALA B 115 24.33 1.10 -1.86
C ALA B 115 23.27 1.55 -0.86
N ALA B 116 23.67 2.35 0.13
CA ALA B 116 22.74 2.87 1.12
C ALA B 116 21.89 3.99 0.53
N PRO B 117 20.65 4.14 1.01
CA PRO B 117 19.83 5.27 0.60
C PRO B 117 20.40 6.63 1.05
N THR B 118 20.41 7.59 0.13
CA THR B 118 20.61 8.99 0.49
C THR B 118 19.23 9.58 0.85
N VAL B 119 19.07 10.02 2.11
CA VAL B 119 17.76 10.42 2.63
C VAL B 119 17.69 11.94 2.81
N SER B 120 16.59 12.55 2.34
CA SER B 120 16.41 14.00 2.41
C SER B 120 14.97 14.30 2.83
N ILE B 121 14.81 15.20 3.80
CA ILE B 121 13.51 15.53 4.31
C ILE B 121 13.16 16.97 3.96
N PHE B 122 11.88 17.23 3.70
CA PHE B 122 11.47 18.55 3.27
C PHE B 122 10.19 19.01 3.98
N PRO B 123 10.24 20.19 4.60
CA PRO B 123 9.04 20.74 5.20
C PRO B 123 8.05 21.22 4.15
N PRO B 124 6.79 21.39 4.56
CA PRO B 124 5.79 21.99 3.68
C PRO B 124 6.27 23.35 3.19
N SER B 125 5.96 23.64 1.92
CA SER B 125 6.26 24.95 1.37
C SER B 125 5.26 26.01 1.91
N SER B 126 5.70 27.28 1.89
CA SER B 126 4.84 28.39 2.30
C SER B 126 3.60 28.44 1.42
N GLU B 127 3.72 28.09 0.14
CA GLU B 127 2.57 28.11 -0.78
C GLU B 127 1.50 27.09 -0.41
N GLN B 128 1.93 25.94 0.07
CA GLN B 128 0.99 24.89 0.43
C GLN B 128 0.26 25.26 1.71
N LEU B 129 1.03 25.70 2.71
CA LEU B 129 0.46 26.09 4.01
C LEU B 129 -0.68 27.14 3.84
N THR B 130 -0.47 28.05 2.90
CA THR B 130 -1.47 29.03 2.51
C THR B 130 -2.81 28.40 2.08
N SER B 131 -2.78 27.18 1.56
CA SER B 131 -4.01 26.51 1.12
C SER B 131 -4.64 25.58 2.17
N GLY B 132 -4.01 25.44 3.34
CA GLY B 132 -4.58 24.64 4.46
C GLY B 132 -3.99 23.24 4.59
N GLY B 133 -3.04 22.94 3.70
CA GLY B 133 -2.36 21.66 3.62
C GLY B 133 -0.90 21.70 4.04
N ALA B 134 -0.37 20.52 4.36
CA ALA B 134 1.00 20.39 4.85
C ALA B 134 1.53 18.97 4.56
N SER B 135 2.22 18.85 3.42
CA SER B 135 2.89 17.62 3.06
C SER B 135 4.37 17.75 3.47
N VAL B 136 4.87 16.69 4.08
CA VAL B 136 6.25 16.57 4.47
C VAL B 136 6.75 15.48 3.56
N VAL B 137 7.86 15.75 2.89
CA VAL B 137 8.33 14.86 1.87
C VAL B 137 9.66 14.31 2.29
N CYS B 138 9.85 13.02 2.00
CA CYS B 138 11.11 12.33 2.24
C CYS B 138 11.49 11.52 1.01
N PHE B 139 12.67 11.76 0.48
CA PHE B 139 13.21 10.97 -0.59
C PHE B 139 14.26 10.05 -0.02
N LEU B 140 14.20 8.79 -0.45
CA LEU B 140 15.19 7.80 -0.16
C LEU B 140 15.78 7.41 -1.49
N ASN B 141 16.90 8.04 -1.84
CA ASN B 141 17.45 7.94 -3.18
C ASN B 141 18.70 7.05 -3.34
N ASN B 142 18.75 6.42 -4.51
CA ASN B 142 19.91 5.69 -5.02
C ASN B 142 20.43 4.55 -4.11
N PHE B 143 19.55 3.58 -3.83
CA PHE B 143 19.91 2.40 -3.04
C PHE B 143 19.75 1.11 -3.85
N TYR B 144 20.42 0.06 -3.36
CA TYR B 144 20.31 -1.31 -3.89
C TYR B 144 20.53 -2.28 -2.70
N PRO B 145 19.80 -3.39 -2.64
CA PRO B 145 18.71 -3.86 -3.47
C PRO B 145 17.40 -3.14 -3.15
N LYS B 146 16.33 -3.55 -3.81
CA LYS B 146 15.15 -2.68 -3.96
C LYS B 146 14.26 -2.58 -2.72
N ASP B 147 14.46 -3.49 -1.75
CA ASP B 147 13.57 -3.59 -0.61
C ASP B 147 13.97 -2.53 0.41
N ILE B 148 13.01 -1.76 0.89
CA ILE B 148 13.25 -0.68 1.83
C ILE B 148 11.98 -0.39 2.61
N ASN B 149 12.12 0.17 3.82
CA ASN B 149 10.97 0.57 4.62
C ASN B 149 11.19 1.95 5.26
N VAL B 150 10.12 2.73 5.37
CA VAL B 150 10.17 4.06 5.94
C VAL B 150 9.28 4.17 7.19
N LYS B 151 9.84 4.78 8.22
CA LYS B 151 9.07 5.12 9.41
C LYS B 151 8.98 6.64 9.59
N TRP B 152 7.77 7.12 9.79
CA TRP B 152 7.56 8.51 10.15
C TRP B 152 7.38 8.65 11.64
N LYS B 153 7.99 9.68 12.19
CA LYS B 153 7.73 10.05 13.57
C LYS B 153 7.44 11.53 13.64
N ILE B 154 6.43 11.87 14.44
CA ILE B 154 6.06 13.24 14.78
C ILE B 154 6.22 13.44 16.31
N ASP B 155 7.02 14.43 16.70
CA ASP B 155 7.41 14.66 18.11
C ASP B 155 7.84 13.37 18.82
N GLY B 156 8.49 12.45 18.10
CA GLY B 156 8.96 11.19 18.68
C GLY B 156 8.04 9.97 18.58
N SER B 157 6.80 10.17 18.17
CA SER B 157 5.83 9.10 18.05
C SER B 157 5.67 8.65 16.61
N GLU B 158 5.75 7.35 16.37
CA GLU B 158 5.51 6.81 15.05
C GLU B 158 4.14 7.28 14.54
N ARG B 159 4.03 7.53 13.24
CA ARG B 159 2.76 7.92 12.60
C ARG B 159 2.49 7.07 11.37
N GLN B 160 1.32 6.42 11.31
CA GLN B 160 0.97 5.54 10.19
C GLN B 160 -0.05 6.13 9.19
N ASN B 161 -1.04 6.89 9.66
CA ASN B 161 -2.01 7.50 8.74
C ASN B 161 -1.39 8.68 7.93
N GLY B 162 -1.82 8.82 6.67
CA GLY B 162 -1.51 9.99 5.84
C GLY B 162 -0.22 9.90 5.04
N VAL B 163 0.41 8.72 5.05
CA VAL B 163 1.64 8.47 4.32
C VAL B 163 1.29 7.79 2.99
N LEU B 164 1.98 8.21 1.93
CA LEU B 164 1.87 7.57 0.65
C LEU B 164 3.26 7.48 -0.01
N ASN B 165 3.58 6.26 -0.46
CA ASN B 165 4.89 5.93 -0.97
C ASN B 165 4.82 5.65 -2.48
N SER B 166 5.92 5.99 -3.16
CA SER B 166 6.12 5.69 -4.56
C SER B 166 7.57 5.28 -4.81
N TRP B 167 7.76 4.34 -5.74
CA TRP B 167 9.05 3.72 -6.01
C TRP B 167 9.42 3.85 -7.47
N THR B 168 10.70 4.13 -7.78
CA THR B 168 11.16 4.04 -9.19
C THR B 168 11.61 2.64 -9.59
N ASP B 169 11.57 2.35 -10.88
CA ASP B 169 12.28 1.22 -11.45
C ASP B 169 13.76 1.54 -11.47
N GLN B 170 14.56 0.53 -11.73
CA GLN B 170 15.99 0.68 -11.78
C GLN B 170 16.50 1.81 -12.70
N ASP B 171 17.39 2.60 -12.13
CA ASP B 171 17.96 3.75 -12.77
C ASP B 171 18.89 3.32 -13.89
N SER B 172 18.82 4.03 -15.01
CA SER B 172 19.56 3.65 -16.19
C SER B 172 21.06 3.97 -16.15
N LYS B 173 21.53 4.73 -15.16
CA LYS B 173 22.94 5.12 -15.11
C LYS B 173 23.69 4.47 -13.96
N ASP B 174 23.06 4.31 -12.80
CA ASP B 174 23.74 3.63 -11.68
C ASP B 174 23.06 2.34 -11.17
N SER B 175 22.03 1.83 -11.86
CA SER B 175 21.30 0.59 -11.44
C SER B 175 20.68 0.54 -10.02
N THR B 176 20.56 1.69 -9.37
CA THR B 176 19.91 1.81 -8.10
C THR B 176 18.40 2.04 -8.25
N TYR B 177 17.73 2.01 -7.10
CA TYR B 177 16.33 2.25 -6.94
C TYR B 177 16.16 3.49 -6.07
N SER B 178 14.99 4.09 -6.13
CA SER B 178 14.68 5.20 -5.24
C SER B 178 13.22 5.13 -4.83
N MET B 179 12.91 5.75 -3.70
CA MET B 179 11.54 5.82 -3.20
C MET B 179 11.26 7.20 -2.65
N SER B 180 10.00 7.60 -2.77
CA SER B 180 9.53 8.82 -2.21
C SER B 180 8.37 8.53 -1.27
N SER B 181 8.42 9.13 -0.09
CA SER B 181 7.38 9.02 0.92
C SER B 181 6.87 10.41 1.32
N THR B 182 5.56 10.61 1.17
CA THR B 182 4.93 11.86 1.57
C THR B 182 3.93 11.66 2.71
N LEU B 183 4.06 12.49 3.74
CA LEU B 183 3.16 12.54 4.90
C LEU B 183 2.33 13.80 4.77
N THR B 184 1.04 13.62 4.47
CA THR B 184 0.12 14.71 4.26
C THR B 184 -0.68 14.94 5.52
N LEU B 185 -0.51 16.13 6.07
CA LEU B 185 -1.27 16.59 7.22
C LEU B 185 -2.08 17.84 6.84
N THR B 186 -2.99 18.24 7.74
CA THR B 186 -3.56 19.57 7.67
C THR B 186 -2.57 20.59 8.25
N LYS B 187 -2.72 21.84 7.86
CA LYS B 187 -1.97 22.96 8.47
C LYS B 187 -2.08 22.93 9.98
N ASP B 188 -3.31 22.86 10.52
CA ASP B 188 -3.48 22.86 11.99
C ASP B 188 -2.72 21.71 12.68
N GLU B 189 -2.84 20.51 12.13
CA GLU B 189 -2.11 19.33 12.60
C GLU B 189 -0.60 19.61 12.58
N TYR B 190 -0.09 19.98 11.40
CA TYR B 190 1.32 20.27 11.21
C TYR B 190 1.77 21.24 12.27
N GLU B 191 0.96 22.28 12.47
CA GLU B 191 1.28 23.32 13.44
C GLU B 191 1.10 22.91 14.92
N ARG B 192 0.50 21.76 15.22
CA ARG B 192 0.43 21.29 16.62
C ARG B 192 1.73 20.69 17.10
N HIS B 193 2.65 20.40 16.16
CA HIS B 193 3.88 19.67 16.52
C HIS B 193 5.14 20.39 16.05
N ASN B 194 6.29 19.92 16.55
CA ASN B 194 7.57 20.57 16.33
C ASN B 194 8.54 19.70 15.49
N SER B 195 8.74 18.47 15.92
CA SER B 195 9.73 17.61 15.33
C SER B 195 9.11 16.62 14.33
N TYR B 196 9.69 16.58 13.13
CA TYR B 196 9.28 15.67 12.05
C TYR B 196 10.47 14.89 11.54
N THR B 197 10.29 13.58 11.50
CA THR B 197 11.36 12.63 11.32
C THR B 197 11.02 11.53 10.37
N CYS B 198 11.95 11.28 9.46
CA CYS B 198 11.86 10.25 8.45
C CYS B 198 13.04 9.29 8.66
N GLU B 199 12.74 7.99 8.87
CA GLU B 199 13.78 6.95 9.08
C GLU B 199 13.68 5.84 8.04
N ALA B 200 14.82 5.45 7.46
CA ALA B 200 14.84 4.46 6.41
C ALA B 200 15.59 3.26 6.92
N THR B 201 14.99 2.07 6.81
CA THR B 201 15.65 0.80 7.14
C THR B 201 15.92 0.02 5.88
N HIS B 202 17.19 -0.26 5.62
CA HIS B 202 17.61 -0.88 4.38
C HIS B 202 18.60 -1.98 4.76
N LYS B 203 18.85 -2.95 3.87
CA LYS B 203 19.71 -4.08 4.21
C LYS B 203 21.13 -3.60 4.57
N THR B 204 21.62 -2.59 3.83
CA THR B 204 22.99 -2.05 4.04
C THR B 204 23.40 -1.73 5.50
N SER B 205 22.43 -1.46 6.37
CA SER B 205 22.72 -1.11 7.77
C SER B 205 21.67 -1.68 8.74
N THR B 206 22.13 -2.03 9.94
CA THR B 206 21.24 -2.52 11.00
C THR B 206 20.48 -1.37 11.65
N SER B 207 21.09 -0.18 11.63
CA SER B 207 20.44 1.04 12.14
C SER B 207 19.80 1.96 11.05
N PRO B 208 18.55 2.39 11.28
CA PRO B 208 17.88 3.30 10.35
C PRO B 208 18.68 4.58 10.05
N ILE B 209 18.60 5.05 8.81
CA ILE B 209 19.14 6.36 8.49
C ILE B 209 18.07 7.41 8.81
N VAL B 210 18.36 8.28 9.76
CA VAL B 210 17.41 9.24 10.29
C VAL B 210 17.67 10.65 9.76
N LYS B 211 16.59 11.32 9.33
CA LYS B 211 16.66 12.70 8.88
C LYS B 211 15.53 13.49 9.52
N SER B 212 15.84 14.71 9.99
CA SER B 212 14.95 15.47 10.85
C SER B 212 14.90 16.96 10.58
N PHE B 213 13.76 17.56 10.84
CA PHE B 213 13.70 19.00 11.00
C PHE B 213 12.70 19.38 12.08
N ASN B 214 12.94 20.56 12.64
CA ASN B 214 12.08 21.13 13.65
C ASN B 214 11.35 22.30 13.04
N ARG B 215 10.04 22.38 13.20
CA ARG B 215 9.39 23.65 12.89
C ARG B 215 9.87 24.64 13.99
N ASN B 216 10.08 25.90 13.64
CA ASN B 216 10.71 26.92 14.54
C ASN B 216 12.25 26.92 14.38
N VAL C 2 -16.81 -8.23 38.59
CA VAL C 2 -16.25 -6.85 38.45
C VAL C 2 -16.15 -6.50 36.96
N GLN C 3 -16.88 -5.48 36.53
CA GLN C 3 -16.97 -5.11 35.13
C GLN C 3 -16.96 -3.58 34.93
N LEU C 4 -16.11 -3.12 34.01
CA LEU C 4 -15.98 -1.71 33.63
C LEU C 4 -16.58 -1.54 32.23
N GLN C 5 -17.65 -0.75 32.15
CA GLN C 5 -18.50 -0.66 30.99
C GLN C 5 -18.37 0.70 30.31
N GLN C 6 -17.77 0.66 29.11
CA GLN C 6 -17.47 1.83 28.32
C GLN C 6 -18.14 1.64 26.98
N PRO C 7 -18.67 2.72 26.40
CA PRO C 7 -19.17 2.53 25.06
C PRO C 7 -18.05 2.13 24.08
N GLY C 8 -18.46 1.60 22.92
CA GLY C 8 -17.57 1.16 21.89
C GLY C 8 -16.88 2.26 21.10
N ALA C 9 -17.64 3.31 20.72
CA ALA C 9 -17.11 4.43 19.96
C ALA C 9 -17.72 5.79 20.38
N GLU C 10 -16.96 6.85 20.17
CA GLU C 10 -17.52 8.19 20.14
C GLU C 10 -17.00 8.91 18.89
N LEU C 11 -17.93 9.36 18.05
CA LEU C 11 -17.63 10.25 16.93
C LEU C 11 -17.77 11.67 17.46
N VAL C 12 -16.70 12.46 17.31
CA VAL C 12 -16.56 13.75 17.97
C VAL C 12 -16.20 14.82 16.93
N ARG C 13 -17.04 15.85 16.80
CA ARG C 13 -16.71 16.99 15.96
C ARG C 13 -15.43 17.63 16.51
N PRO C 14 -14.46 17.96 15.65
CA PRO C 14 -13.32 18.71 16.19
C PRO C 14 -13.78 19.96 16.98
N GLY C 15 -13.17 20.22 18.15
CA GLY C 15 -13.45 21.42 18.94
C GLY C 15 -14.48 21.26 20.06
N GLY C 16 -15.52 20.47 19.82
CA GLY C 16 -16.57 20.17 20.81
C GLY C 16 -16.14 19.13 21.82
N SER C 17 -16.21 19.44 23.10
CA SER C 17 -15.77 18.49 24.14
C SER C 17 -16.61 17.21 24.13
N VAL C 18 -15.98 16.11 24.54
CA VAL C 18 -16.64 14.81 24.64
C VAL C 18 -16.34 14.14 26.00
N LYS C 19 -17.34 13.46 26.54
CA LYS C 19 -17.32 12.98 27.91
C LYS C 19 -17.34 11.46 27.87
N LEU C 20 -16.22 10.82 28.16
CA LEU C 20 -16.15 9.37 28.08
C LEU C 20 -16.63 8.77 29.40
N SER C 21 -17.54 7.80 29.33
CA SER C 21 -18.10 7.16 30.53
C SER C 21 -17.51 5.78 30.83
N CYS C 22 -17.44 5.44 32.11
CA CYS C 22 -16.94 4.16 32.58
C CYS C 22 -17.76 3.65 33.78
N LYS C 23 -18.89 2.99 33.50
CA LYS C 23 -19.85 2.51 34.52
C LYS C 23 -19.35 1.26 35.26
N ALA C 24 -18.96 1.41 36.52
CA ALA C 24 -18.40 0.32 37.34
C ALA C 24 -19.49 -0.45 38.13
N SER C 25 -19.22 -1.73 38.38
CA SER C 25 -20.18 -2.64 39.02
C SER C 25 -19.52 -3.94 39.51
N GLY C 26 -20.33 -4.79 40.16
CA GLY C 26 -19.82 -6.02 40.75
C GLY C 26 -18.88 -5.79 41.92
N TYR C 27 -18.84 -4.57 42.43
CA TYR C 27 -18.07 -4.27 43.65
C TYR C 27 -18.55 -2.96 44.22
N SER C 28 -17.95 -2.57 45.36
CA SER C 28 -18.31 -1.33 46.02
C SER C 28 -17.57 -0.15 45.39
N PHE C 29 -18.33 0.67 44.66
CA PHE C 29 -17.81 1.75 43.82
C PHE C 29 -16.88 2.71 44.53
N THR C 30 -16.98 2.81 45.86
CA THR C 30 -16.18 3.73 46.67
C THR C 30 -14.89 3.11 47.24
N THR C 31 -14.32 2.17 46.49
CA THR C 31 -13.00 1.61 46.79
C THR C 31 -12.06 1.67 45.56
N TYR C 32 -10.77 1.47 45.81
CA TYR C 32 -9.70 1.44 44.80
C TYR C 32 -9.59 2.75 43.95
N TRP C 33 -8.76 2.78 42.91
CA TRP C 33 -8.65 3.95 42.02
C TRP C 33 -9.06 3.60 40.60
N MET C 34 -9.75 4.53 39.94
CA MET C 34 -10.07 4.38 38.52
C MET C 34 -9.08 5.18 37.73
N MET C 35 -8.50 4.52 36.73
CA MET C 35 -7.44 5.08 35.93
C MET C 35 -7.87 5.21 34.46
N TRP C 36 -7.24 6.12 33.73
CA TRP C 36 -7.50 6.32 32.32
C TRP C 36 -6.22 6.28 31.47
N VAL C 37 -6.26 5.47 30.41
CA VAL C 37 -5.13 5.17 29.57
C VAL C 37 -5.51 5.41 28.08
N LYS C 38 -4.66 6.14 27.38
CA LYS C 38 -4.85 6.37 25.94
C LYS C 38 -3.95 5.43 25.14
N GLN C 39 -4.47 4.90 24.05
CA GLN C 39 -3.69 4.10 23.09
C GLN C 39 -4.11 4.37 21.64
N ARG C 40 -3.21 4.93 20.82
CA ARG C 40 -3.44 4.99 19.37
C ARG C 40 -3.36 3.59 18.81
N PRO C 41 -4.26 3.24 17.86
CA PRO C 41 -4.28 1.85 17.35
C PRO C 41 -2.92 1.47 16.78
N GLY C 42 -2.39 0.32 17.17
CA GLY C 42 -1.04 -0.08 16.78
C GLY C 42 0.12 0.48 17.61
N GLN C 43 -0.12 1.49 18.46
CA GLN C 43 0.98 2.11 19.25
C GLN C 43 0.88 1.74 20.75
N GLY C 44 1.69 2.42 21.57
CA GLY C 44 1.83 2.14 22.99
C GLY C 44 0.74 2.68 23.90
N LEU C 45 0.92 2.41 25.20
CA LEU C 45 -0.01 2.88 26.25
C LEU C 45 0.50 4.18 26.85
N GLU C 46 -0.43 5.09 27.14
CA GLU C 46 -0.09 6.38 27.74
C GLU C 46 -1.07 6.68 28.86
N TRP C 47 -0.54 6.97 30.04
CA TRP C 47 -1.35 7.18 31.26
C TRP C 47 -1.89 8.62 31.33
N ILE C 48 -3.20 8.77 31.42
CA ILE C 48 -3.81 10.10 31.50
C ILE C 48 -3.96 10.57 32.94
N GLY C 49 -4.48 9.71 33.81
CA GLY C 49 -4.66 10.02 35.21
C GLY C 49 -5.58 9.07 35.97
N MET C 50 -5.75 9.35 37.25
CA MET C 50 -6.63 8.55 38.10
C MET C 50 -7.53 9.36 39.03
N ILE C 51 -8.64 8.76 39.40
CA ILE C 51 -9.56 9.33 40.35
C ILE C 51 -9.93 8.25 41.40
N GLN C 52 -9.88 8.61 42.68
CA GLN C 52 -10.22 7.67 43.76
C GLN C 52 -11.67 7.89 44.11
N PRO C 53 -12.56 6.97 43.73
CA PRO C 53 -13.93 7.35 44.01
C PRO C 53 -14.30 7.54 45.50
N SER C 54 -13.44 7.16 46.45
CA SER C 54 -13.76 7.33 47.88
C SER C 54 -13.88 8.81 48.24
N ASP C 55 -12.90 9.62 47.84
CA ASP C 55 -12.96 11.08 48.15
C ASP C 55 -12.88 12.04 46.93
N SER C 56 -13.12 11.50 45.73
CA SER C 56 -12.99 12.23 44.44
C SER C 56 -11.65 12.90 44.21
N GLU C 57 -10.62 12.53 44.96
CA GLU C 57 -9.23 12.93 44.70
C GLU C 57 -8.82 12.53 43.29
N THR C 58 -8.31 13.50 42.52
CA THR C 58 -7.78 13.22 41.19
C THR C 58 -6.29 13.42 41.23
N ARG C 59 -5.61 12.72 40.32
CA ARG C 59 -4.21 12.91 40.01
C ARG C 59 -4.08 12.79 38.48
N LEU C 60 -3.37 13.73 37.84
CA LEU C 60 -3.40 13.83 36.37
C LEU C 60 -1.99 13.92 35.79
N ASN C 61 -1.76 13.24 34.67
CA ASN C 61 -0.53 13.41 33.89
C ASN C 61 -0.49 14.85 33.36
N GLN C 62 0.51 15.64 33.76
CA GLN C 62 0.57 17.06 33.36
C GLN C 62 0.46 17.28 31.85
N LYS C 63 0.94 16.32 31.06
CA LYS C 63 0.79 16.35 29.60
C LYS C 63 -0.66 16.62 29.14
N PHE C 64 -1.65 16.16 29.91
CA PHE C 64 -3.10 16.30 29.61
C PHE C 64 -3.81 17.36 30.48
N LYS C 65 -3.03 18.22 31.15
CA LYS C 65 -3.58 19.26 32.05
C LYS C 65 -4.60 20.14 31.35
N ASP C 66 -4.32 20.53 30.11
CA ASP C 66 -5.29 21.28 29.29
C ASP C 66 -6.16 20.39 28.39
N LYS C 67 -6.25 19.09 28.68
CA LYS C 67 -6.97 18.15 27.81
C LYS C 67 -8.09 17.32 28.47
N ALA C 68 -7.82 16.78 29.65
CA ALA C 68 -8.68 15.79 30.28
C ALA C 68 -9.06 16.27 31.65
N THR C 69 -10.36 16.16 31.94
CA THR C 69 -10.90 16.46 33.26
C THR C 69 -11.59 15.19 33.75
N LEU C 70 -11.20 14.74 34.94
CA LEU C 70 -11.78 13.54 35.56
C LEU C 70 -12.84 13.91 36.60
N THR C 71 -14.03 13.32 36.44
CA THR C 71 -15.11 13.45 37.40
C THR C 71 -15.71 12.08 37.72
N LEU C 72 -16.76 12.06 38.55
CA LEU C 72 -17.48 10.83 38.83
C LEU C 72 -18.92 11.11 39.19
N ASP C 73 -19.74 10.08 39.13
CA ASP C 73 -21.14 10.14 39.55
C ASP C 73 -21.44 8.89 40.40
N ARG C 74 -21.16 9.00 41.69
CA ARG C 74 -21.36 7.92 42.67
C ARG C 74 -22.74 7.28 42.64
N SER C 75 -23.72 8.01 42.11
CA SER C 75 -25.09 7.53 41.96
C SER C 75 -25.27 6.46 40.85
N SER C 76 -24.53 6.60 39.76
CA SER C 76 -24.54 5.62 38.65
C SER C 76 -23.38 4.63 38.73
N SER C 77 -22.44 4.86 39.65
CA SER C 77 -21.12 4.20 39.64
C SER C 77 -20.41 4.40 38.29
N THR C 78 -20.55 5.60 37.71
CA THR C 78 -19.86 5.96 36.48
C THR C 78 -18.71 6.93 36.80
N VAL C 79 -17.50 6.59 36.34
CA VAL C 79 -16.40 7.57 36.29
C VAL C 79 -16.34 8.17 34.89
N TYR C 80 -15.93 9.44 34.78
CA TYR C 80 -15.94 10.18 33.50
C TYR C 80 -14.62 10.91 33.17
N MET C 81 -14.25 10.90 31.90
CA MET C 81 -13.12 11.69 31.43
C MET C 81 -13.55 12.52 30.25
N GLN C 82 -13.48 13.82 30.42
CA GLN C 82 -13.84 14.74 29.38
C GLN C 82 -12.60 15.28 28.67
N LEU C 83 -12.65 15.22 27.35
CA LEU C 83 -11.56 15.75 26.52
C LEU C 83 -12.03 17.07 25.94
N SER C 84 -11.28 18.13 26.19
CA SER C 84 -11.61 19.46 25.68
C SER C 84 -10.97 19.67 24.32
N SER C 85 -11.48 20.66 23.57
CA SER C 85 -10.95 21.05 22.24
C SER C 85 -10.39 19.90 21.41
N PRO C 86 -11.19 18.86 21.18
CA PRO C 86 -10.62 17.64 20.57
C PRO C 86 -10.11 17.93 19.17
N THR C 87 -8.94 17.38 18.88
CA THR C 87 -8.35 17.41 17.54
C THR C 87 -8.20 15.93 17.06
N SER C 88 -7.67 15.73 15.85
CA SER C 88 -7.36 14.40 15.31
C SER C 88 -6.26 13.67 16.11
N ASP C 89 -5.43 14.45 16.79
CA ASP C 89 -4.46 13.90 17.74
C ASP C 89 -5.11 13.19 18.95
N ASP C 90 -6.39 13.43 19.14
CA ASP C 90 -7.09 12.83 20.26
C ASP C 90 -7.79 11.53 19.86
N SER C 91 -7.83 11.23 18.56
CA SER C 91 -8.30 9.94 18.05
C SER C 91 -7.42 8.80 18.54
N ALA C 92 -8.05 7.93 19.30
CA ALA C 92 -7.40 6.81 19.94
C ALA C 92 -8.44 6.05 20.75
N VAL C 93 -8.00 4.94 21.31
CA VAL C 93 -8.75 4.11 22.23
C VAL C 93 -8.41 4.59 23.62
N TYR C 94 -9.45 4.87 24.38
CA TYR C 94 -9.35 5.26 25.78
C TYR C 94 -9.94 4.18 26.65
N TYR C 95 -9.12 3.68 27.57
CA TYR C 95 -9.50 2.61 28.48
C TYR C 95 -9.59 3.22 29.88
N CYS C 96 -10.61 2.79 30.62
CA CYS C 96 -10.59 2.98 32.07
C CYS C 96 -10.17 1.67 32.71
N ALA C 97 -9.48 1.76 33.85
CA ALA C 97 -8.92 0.59 34.51
C ALA C 97 -8.88 0.84 36.00
N ARG C 98 -9.43 -0.12 36.75
CA ARG C 98 -9.40 -0.06 38.20
C ARG C 98 -8.23 -0.83 38.83
N THR C 99 -7.71 -0.30 39.92
CA THR C 99 -6.57 -0.90 40.57
C THR C 99 -7.02 -2.20 41.28
N GLY C 100 -6.11 -3.14 41.49
CA GLY C 100 -6.45 -4.37 42.20
C GLY C 100 -6.24 -4.21 43.69
N ARG C 101 -5.15 -3.55 44.07
CA ARG C 101 -4.88 -3.16 45.44
C ARG C 101 -4.51 -1.68 45.45
N GLY C 102 -5.15 -0.93 46.35
CA GLY C 102 -4.87 0.49 46.56
C GLY C 102 -5.07 1.30 45.30
N ASP C 103 -3.99 1.94 44.86
CA ASP C 103 -3.93 2.76 43.65
C ASP C 103 -2.87 2.21 42.68
N ALA C 104 -2.42 0.98 42.95
CA ALA C 104 -1.28 0.42 42.25
C ALA C 104 -1.67 -0.27 40.92
N TRP C 105 -1.84 -1.61 40.92
CA TRP C 105 -1.85 -2.38 39.66
C TRP C 105 -3.21 -2.40 39.01
N LEU C 106 -3.24 -2.37 37.67
CA LEU C 106 -4.48 -2.31 36.93
C LEU C 106 -4.97 -3.73 36.58
N THR C 107 -5.92 -4.23 37.37
CA THR C 107 -6.44 -5.60 37.26
C THR C 107 -7.65 -5.67 36.35
N TYR C 108 -8.59 -4.73 36.51
CA TYR C 108 -9.76 -4.70 35.64
C TYR C 108 -9.75 -3.55 34.64
N TRP C 109 -10.16 -3.88 33.43
CA TRP C 109 -10.10 -2.98 32.32
C TRP C 109 -11.43 -3.01 31.61
N GLY C 110 -11.91 -1.83 31.26
CA GLY C 110 -12.95 -1.75 30.25
C GLY C 110 -12.38 -2.17 28.91
N GLN C 111 -13.29 -2.30 27.96
CA GLN C 111 -12.99 -2.71 26.57
C GLN C 111 -12.36 -1.57 25.75
N GLY C 112 -12.52 -0.34 26.21
CA GLY C 112 -12.02 0.82 25.50
C GLY C 112 -13.07 1.45 24.60
N THR C 113 -13.10 2.78 24.59
CA THR C 113 -13.89 3.57 23.65
C THR C 113 -12.93 4.12 22.59
N SER C 114 -13.24 3.81 21.33
CA SER C 114 -12.48 4.33 20.22
C SER C 114 -13.06 5.69 19.87
N VAL C 115 -12.32 6.71 20.24
CA VAL C 115 -12.69 8.06 19.84
C VAL C 115 -12.19 8.40 18.44
N THR C 116 -13.11 8.83 17.57
CA THR C 116 -12.77 9.34 16.24
C THR C 116 -13.10 10.86 16.21
N VAL C 117 -12.06 11.71 16.10
CA VAL C 117 -12.30 13.16 15.99
C VAL C 117 -12.38 13.52 14.51
N SER C 118 -13.58 13.82 14.03
CA SER C 118 -13.86 13.97 12.58
C SER C 118 -15.12 14.79 12.24
N SER C 119 -15.14 15.42 11.06
CA SER C 119 -16.36 16.08 10.52
C SER C 119 -17.33 15.12 9.82
N ALA C 120 -16.78 14.09 9.19
CA ALA C 120 -17.55 13.11 8.41
C ALA C 120 -18.71 12.53 9.25
N LYS C 121 -19.78 12.09 8.59
CA LYS C 121 -20.95 11.61 9.33
C LYS C 121 -20.89 10.08 9.56
N THR C 122 -21.54 9.61 10.62
CA THR C 122 -21.78 8.18 10.83
C THR C 122 -22.48 7.50 9.64
N THR C 123 -21.82 6.46 9.08
CA THR C 123 -22.39 5.60 8.02
C THR C 123 -22.40 4.13 8.49
N PRO C 124 -23.57 3.46 8.47
CA PRO C 124 -23.54 2.04 8.84
C PRO C 124 -22.97 1.16 7.72
N PRO C 125 -22.49 -0.05 8.07
CA PRO C 125 -21.88 -0.93 7.08
C PRO C 125 -22.87 -1.61 6.15
N SER C 126 -22.44 -1.89 4.93
CA SER C 126 -23.10 -2.88 4.12
C SER C 126 -22.38 -4.19 4.33
N VAL C 127 -23.16 -5.24 4.58
CA VAL C 127 -22.63 -6.52 4.98
C VAL C 127 -22.97 -7.57 3.90
N TYR C 128 -21.95 -8.21 3.33
CA TYR C 128 -22.17 -9.15 2.26
C TYR C 128 -21.64 -10.53 2.60
N PRO C 129 -22.47 -11.58 2.39
CA PRO C 129 -22.02 -12.93 2.58
C PRO C 129 -21.08 -13.32 1.44
N LEU C 130 -20.03 -14.07 1.78
CA LEU C 130 -19.11 -14.64 0.81
C LEU C 130 -19.19 -16.15 0.87
N ALA C 131 -19.83 -16.70 -0.16
CA ALA C 131 -19.94 -18.14 -0.36
C ALA C 131 -19.09 -18.59 -1.54
N PRO C 132 -18.52 -19.81 -1.46
CA PRO C 132 -17.69 -20.48 -2.45
C PRO C 132 -18.23 -20.45 -3.86
N GLY C 133 -17.34 -20.23 -4.81
CA GLY C 133 -17.69 -20.29 -6.23
C GLY C 133 -18.00 -21.70 -6.74
N SER C 134 -17.58 -22.74 -6.02
CA SER C 134 -17.77 -24.14 -6.49
C SER C 134 -17.40 -25.19 -5.46
N ASN C 137 -12.41 -30.12 -0.12
CA ASN C 137 -13.75 -30.55 0.28
C ASN C 137 -13.83 -31.24 1.67
N SER C 138 -12.76 -31.16 2.45
CA SER C 138 -12.81 -31.59 3.85
C SER C 138 -13.13 -30.40 4.76
N MET C 139 -12.67 -29.23 4.36
CA MET C 139 -12.85 -27.98 5.11
C MET C 139 -13.23 -26.90 4.13
N VAL C 140 -14.28 -26.14 4.42
CA VAL C 140 -14.77 -25.09 3.54
C VAL C 140 -14.56 -23.75 4.22
N THR C 141 -14.18 -22.75 3.43
CA THR C 141 -14.04 -21.41 3.94
C THR C 141 -15.18 -20.50 3.47
N LEU C 142 -15.75 -19.75 4.39
CA LEU C 142 -16.81 -18.82 4.10
C LEU C 142 -16.34 -17.46 4.59
N GLY C 143 -16.99 -16.42 4.11
CA GLY C 143 -16.58 -15.07 4.41
C GLY C 143 -17.70 -14.10 4.57
N CYS C 144 -17.38 -12.96 5.21
CA CYS C 144 -18.25 -11.79 5.24
C CYS C 144 -17.43 -10.54 4.91
N LEU C 145 -18.00 -9.68 4.07
CA LEU C 145 -17.39 -8.39 3.70
C LEU C 145 -18.27 -7.30 4.33
N VAL C 146 -17.63 -6.47 5.15
CA VAL C 146 -18.31 -5.42 5.89
C VAL C 146 -17.82 -4.09 5.29
N LYS C 147 -18.62 -3.56 4.39
CA LYS C 147 -18.19 -2.48 3.52
C LYS C 147 -18.85 -1.16 3.86
N GLY C 148 -18.07 -0.09 3.73
CA GLY C 148 -18.60 1.28 3.71
C GLY C 148 -19.19 1.76 5.03
N TYR C 149 -18.42 1.64 6.11
CA TYR C 149 -18.81 2.22 7.40
C TYR C 149 -17.85 3.33 7.86
N PHE C 150 -18.35 4.17 8.75
CA PHE C 150 -17.55 5.21 9.45
C PHE C 150 -18.24 5.56 10.78
N PRO C 151 -17.48 5.85 11.84
CA PRO C 151 -16.07 5.56 12.11
C PRO C 151 -15.89 4.08 12.46
N GLU C 152 -14.66 3.69 12.77
CA GLU C 152 -14.40 2.45 13.44
C GLU C 152 -15.02 2.48 14.86
N PRO C 153 -15.21 1.32 15.50
CA PRO C 153 -14.91 -0.02 15.03
C PRO C 153 -16.16 -0.77 14.60
N VAL C 154 -15.97 -2.01 14.17
CA VAL C 154 -17.05 -2.94 13.92
C VAL C 154 -16.68 -4.22 14.70
N THR C 155 -17.67 -4.97 15.19
CA THR C 155 -17.41 -6.26 15.86
C THR C 155 -18.00 -7.34 14.98
N VAL C 156 -17.21 -8.35 14.63
CA VAL C 156 -17.69 -9.47 13.85
C VAL C 156 -17.62 -10.76 14.68
N THR C 157 -18.74 -11.45 14.74
CA THR C 157 -18.81 -12.77 15.32
C THR C 157 -19.39 -13.70 14.28
N TRP C 158 -19.20 -14.99 14.50
CA TRP C 158 -19.79 -15.99 13.66
C TRP C 158 -20.73 -16.86 14.54
N ASN C 159 -21.97 -17.09 14.09
CA ASN C 159 -22.98 -17.88 14.85
C ASN C 159 -23.12 -17.42 16.28
N SER C 160 -23.28 -16.11 16.47
CA SER C 160 -23.44 -15.49 17.82
C SER C 160 -22.29 -15.73 18.80
N GLY C 161 -21.09 -15.98 18.27
CA GLY C 161 -19.91 -16.34 19.08
C GLY C 161 -19.66 -17.83 19.27
N SER C 162 -20.64 -18.67 18.94
CA SER C 162 -20.47 -20.13 19.00
C SER C 162 -19.46 -20.69 18.04
N LEU C 163 -19.19 -19.97 16.94
CA LEU C 163 -18.12 -20.37 16.02
C LEU C 163 -16.88 -19.50 16.28
N SER C 164 -15.89 -20.07 16.98
CA SER C 164 -14.74 -19.35 17.53
C SER C 164 -13.47 -19.69 16.80
N SER C 165 -13.23 -20.99 16.74
CA SER C 165 -12.11 -21.58 16.03
C SER C 165 -12.16 -21.30 14.54
N GLY C 166 -10.99 -21.19 13.93
CA GLY C 166 -10.85 -21.06 12.47
C GLY C 166 -11.40 -19.75 11.87
N VAL C 167 -11.53 -18.71 12.71
CA VAL C 167 -11.96 -17.35 12.29
C VAL C 167 -10.77 -16.37 12.09
N HIS C 168 -10.83 -15.57 11.04
CA HIS C 168 -9.90 -14.45 10.82
C HIS C 168 -10.69 -13.23 10.42
N THR C 169 -10.74 -12.27 11.34
CA THR C 169 -11.39 -11.00 11.10
C THR C 169 -10.24 -10.00 10.88
N PHE C 170 -10.21 -9.43 9.69
CA PHE C 170 -9.07 -8.67 9.22
C PHE C 170 -9.17 -7.18 9.59
N PRO C 171 -8.02 -6.50 9.83
CA PRO C 171 -8.05 -5.05 10.10
C PRO C 171 -8.77 -4.24 9.00
N ALA C 172 -9.56 -3.22 9.37
CA ALA C 172 -10.21 -2.35 8.40
C ALA C 172 -9.24 -1.66 7.47
N VAL C 173 -9.73 -1.31 6.28
CA VAL C 173 -9.06 -0.44 5.32
C VAL C 173 -9.90 0.84 5.05
N LEU C 174 -9.24 1.99 5.17
CA LEU C 174 -9.90 3.30 5.00
C LEU C 174 -9.84 3.73 3.55
N GLN C 175 -10.96 4.27 3.04
CA GLN C 175 -11.01 4.84 1.66
C GLN C 175 -12.25 5.67 1.36
N SER C 176 -12.03 6.91 0.90
CA SER C 176 -13.09 7.89 0.66
C SER C 176 -13.81 8.23 1.93
N ASP C 177 -13.09 8.19 3.05
CA ASP C 177 -13.69 8.43 4.34
C ASP C 177 -14.65 7.29 4.73
N LEU C 178 -14.43 6.10 4.16
CA LEU C 178 -15.17 4.90 4.62
C LEU C 178 -14.21 3.72 4.85
N TYR C 179 -14.54 2.91 5.84
CA TYR C 179 -13.83 1.68 6.14
C TYR C 179 -14.49 0.41 5.55
N THR C 180 -13.63 -0.52 5.12
CA THR C 180 -14.03 -1.85 4.72
C THR C 180 -13.15 -2.91 5.38
N LEU C 181 -13.80 -3.94 5.89
CA LEU C 181 -13.14 -5.07 6.55
C LEU C 181 -13.76 -6.36 6.03
N SER C 182 -13.02 -7.45 6.10
CA SER C 182 -13.52 -8.78 5.83
C SER C 182 -13.26 -9.74 7.02
N SER C 183 -14.08 -10.78 7.12
CA SER C 183 -13.87 -11.88 8.06
C SER C 183 -14.10 -13.19 7.32
N SER C 184 -13.26 -14.21 7.60
CA SER C 184 -13.46 -15.56 7.10
C SER C 184 -13.61 -16.55 8.27
N VAL C 185 -14.30 -17.63 7.97
CA VAL C 185 -14.42 -18.75 8.87
C VAL C 185 -14.23 -20.03 8.05
N THR C 186 -13.50 -20.96 8.62
CA THR C 186 -13.24 -22.23 7.98
C THR C 186 -13.85 -23.32 8.88
N VAL C 187 -14.85 -24.04 8.37
CA VAL C 187 -15.60 -25.03 9.14
C VAL C 187 -15.51 -26.40 8.44
N PRO C 188 -15.72 -27.52 9.19
CA PRO C 188 -15.80 -28.81 8.51
C PRO C 188 -16.83 -28.77 7.37
N SER C 189 -16.48 -29.35 6.22
CA SER C 189 -17.39 -29.51 5.07
C SER C 189 -18.69 -30.29 5.43
N SER C 190 -18.61 -31.18 6.41
CA SER C 190 -19.78 -31.88 6.90
C SER C 190 -20.82 -30.95 7.54
N THR C 191 -20.40 -29.82 8.09
CA THR C 191 -21.31 -28.93 8.85
C THR C 191 -21.89 -27.74 8.05
N TRP C 192 -21.48 -27.58 6.79
CA TRP C 192 -22.08 -26.58 5.89
C TRP C 192 -22.15 -27.17 4.48
N PRO C 193 -23.29 -27.02 3.79
CA PRO C 193 -24.47 -26.20 4.14
C PRO C 193 -25.51 -26.86 5.06
N SER C 194 -25.22 -28.03 5.62
CA SER C 194 -26.22 -28.71 6.44
C SER C 194 -26.51 -27.95 7.75
N GLU C 195 -25.49 -27.35 8.37
CA GLU C 195 -25.73 -26.33 9.39
C GLU C 195 -25.60 -24.89 8.83
N THR C 196 -26.38 -23.97 9.38
CA THR C 196 -26.35 -22.60 8.91
C THR C 196 -25.12 -21.87 9.51
N VAL C 197 -24.59 -20.90 8.78
CA VAL C 197 -23.41 -20.09 9.17
C VAL C 197 -23.77 -18.64 8.91
N THR C 198 -23.66 -17.82 9.96
CA THR C 198 -24.14 -16.46 9.99
C THR C 198 -23.02 -15.61 10.53
N CYS C 199 -22.66 -14.55 9.83
CA CYS C 199 -21.79 -13.57 10.45
C CYS C 199 -22.70 -12.55 11.12
N ASN C 200 -22.33 -12.16 12.35
CA ASN C 200 -23.04 -11.12 13.10
C ASN C 200 -22.10 -9.88 13.20
N VAL C 201 -22.60 -8.73 12.78
CA VAL C 201 -21.77 -7.52 12.64
C VAL C 201 -22.32 -6.36 13.50
N ALA C 202 -21.50 -5.83 14.39
CA ALA C 202 -21.94 -4.75 15.27
C ALA C 202 -21.15 -3.50 14.91
N HIS C 203 -21.89 -2.41 14.67
CA HIS C 203 -21.30 -1.10 14.42
C HIS C 203 -21.78 -0.14 15.52
N PRO C 204 -21.03 -0.06 16.66
CA PRO C 204 -21.45 0.72 17.82
C PRO C 204 -21.96 2.13 17.48
N ALA C 205 -21.19 2.87 16.68
CA ALA C 205 -21.48 4.27 16.38
C ALA C 205 -22.75 4.54 15.59
N SER C 206 -23.56 3.52 15.33
CA SER C 206 -24.90 3.74 14.77
C SER C 206 -25.94 2.84 15.42
N SER C 207 -25.56 2.17 16.50
CA SER C 207 -26.41 1.18 17.18
C SER C 207 -26.97 0.12 16.22
N THR C 208 -26.24 -0.17 15.15
CA THR C 208 -26.66 -1.19 14.19
C THR C 208 -26.12 -2.58 14.56
N LYS C 209 -26.94 -3.60 14.30
CA LYS C 209 -26.53 -5.00 14.36
C LYS C 209 -27.15 -5.71 13.16
N VAL C 210 -26.35 -6.48 12.44
CA VAL C 210 -26.86 -7.23 11.30
C VAL C 210 -26.30 -8.66 11.28
N ASP C 211 -27.20 -9.60 10.99
CA ASP C 211 -26.85 -10.97 10.74
C ASP C 211 -27.00 -11.20 9.26
N LYS C 212 -25.95 -11.74 8.65
CA LYS C 212 -26.05 -12.22 7.27
C LYS C 212 -25.73 -13.72 7.26
N LYS C 213 -26.74 -14.50 6.91
CA LYS C 213 -26.57 -15.94 6.65
C LYS C 213 -25.81 -16.19 5.33
N ILE C 214 -24.79 -17.04 5.38
CA ILE C 214 -24.12 -17.51 4.19
C ILE C 214 -24.96 -18.63 3.53
N VAL C 215 -25.63 -18.32 2.40
CA VAL C 215 -26.40 -19.30 1.60
C VAL C 215 -25.57 -19.86 0.43
N PRO C 216 -25.59 -21.20 0.20
CA PRO C 216 -24.86 -21.68 -0.98
C PRO C 216 -25.43 -21.05 -2.25
N ARG C 217 -24.60 -20.86 -3.28
CA ARG C 217 -25.01 -20.10 -4.49
C ARG C 217 -26.04 -20.81 -5.34
N ASN D 1 9.33 12.99 35.43
CA ASN D 1 8.72 11.68 35.79
C ASN D 1 9.69 10.56 35.51
N ILE D 2 9.32 9.35 35.91
CA ILE D 2 10.11 8.15 35.62
C ILE D 2 9.88 7.68 34.16
N VAL D 3 10.94 7.73 33.35
CA VAL D 3 10.92 7.21 31.98
C VAL D 3 11.25 5.71 32.06
N LEU D 4 10.35 4.86 31.59
CA LEU D 4 10.57 3.39 31.52
C LEU D 4 11.05 3.03 30.12
N THR D 5 12.23 2.43 30.02
CA THR D 5 12.80 2.07 28.72
C THR D 5 12.76 0.56 28.53
N GLN D 6 11.76 0.13 27.78
CA GLN D 6 11.59 -1.27 27.46
C GLN D 6 12.34 -1.62 26.18
N SER D 7 13.11 -2.72 26.21
CA SER D 7 13.75 -3.27 25.01
C SER D 7 13.85 -4.81 25.07
N PRO D 8 13.93 -5.46 23.90
CA PRO D 8 13.92 -4.87 22.56
C PRO D 8 12.52 -4.40 22.12
N VAL D 9 12.44 -3.62 21.05
CA VAL D 9 11.16 -3.29 20.38
C VAL D 9 10.33 -4.54 19.97
N SER D 10 10.97 -5.46 19.25
CA SER D 10 10.37 -6.77 18.93
C SER D 10 11.34 -7.92 19.24
N LEU D 11 10.82 -9.14 19.19
CA LEU D 11 11.54 -10.35 19.57
C LEU D 11 10.81 -11.59 19.02
N ALA D 12 11.58 -12.54 18.46
CA ALA D 12 11.05 -13.84 18.00
C ALA D 12 11.64 -15.02 18.77
N VAL D 13 10.78 -15.88 19.31
CA VAL D 13 11.20 -17.05 20.08
C VAL D 13 10.50 -18.29 19.54
N SER D 14 11.16 -19.45 19.59
CA SER D 14 10.59 -20.71 19.09
C SER D 14 9.68 -21.28 20.11
N LEU D 15 8.77 -22.14 19.65
CA LEU D 15 7.76 -22.76 20.48
C LEU D 15 8.37 -23.51 21.66
N GLY D 16 9.66 -23.86 21.58
CA GLY D 16 10.33 -24.42 22.75
C GLY D 16 10.76 -23.39 23.80
N GLN D 17 11.35 -22.29 23.32
CA GLN D 17 12.37 -21.52 24.04
C GLN D 17 11.96 -20.56 25.19
N ARG D 18 12.84 -19.60 25.47
CA ARG D 18 12.68 -18.64 26.58
C ARG D 18 12.73 -17.21 26.04
N ALA D 19 11.69 -16.44 26.36
CA ALA D 19 11.67 -15.04 25.98
C ALA D 19 12.18 -14.17 27.15
N THR D 20 13.07 -13.23 26.84
CA THR D 20 13.64 -12.34 27.84
C THR D 20 13.39 -10.88 27.45
N ILE D 21 12.57 -10.20 28.24
CA ILE D 21 12.09 -8.84 27.95
C ILE D 21 12.54 -7.96 29.10
N SER D 22 13.07 -6.77 28.80
CA SER D 22 13.58 -5.92 29.88
C SER D 22 12.98 -4.50 29.92
N CYS D 23 12.83 -4.03 31.15
CA CYS D 23 12.34 -2.69 31.45
C CYS D 23 13.34 -1.99 32.38
N ARG D 24 13.94 -0.92 31.91
CA ARG D 24 14.86 -0.13 32.73
C ARG D 24 14.13 1.16 33.08
N ALA D 25 14.15 1.53 34.35
CA ALA D 25 13.58 2.79 34.82
C ALA D 25 14.67 3.84 35.09
N SER D 26 14.39 5.10 34.75
CA SER D 26 15.24 6.23 35.10
C SER D 26 15.57 6.33 36.62
N LYS D 27 14.62 5.96 37.46
CA LYS D 27 14.73 6.13 38.90
C LYS D 27 14.23 4.82 39.49
N SER D 28 14.54 4.58 40.76
CA SER D 28 14.09 3.39 41.45
C SER D 28 12.60 3.47 41.68
N VAL D 29 11.98 2.30 41.81
CA VAL D 29 10.56 2.16 42.09
C VAL D 29 10.30 1.22 43.27
N SER D 30 11.37 0.74 43.89
CA SER D 30 11.24 -0.12 45.07
C SER D 30 11.36 0.65 46.37
N THR D 31 10.78 0.07 47.42
CA THR D 31 11.07 0.49 48.78
C THR D 31 11.20 -0.76 49.62
N SER D 32 12.37 -0.89 50.27
CA SER D 32 12.82 -2.18 50.80
C SER D 32 12.87 -3.16 49.63
N GLY D 33 12.35 -4.38 49.84
CA GLY D 33 12.31 -5.39 48.78
C GLY D 33 10.94 -5.44 48.12
N TYR D 34 10.40 -4.27 47.80
CA TYR D 34 9.07 -4.15 47.19
C TYR D 34 9.15 -3.17 46.05
N SER D 35 9.10 -3.69 44.82
CA SER D 35 9.25 -2.86 43.62
C SER D 35 7.91 -2.64 42.96
N TYR D 36 7.56 -1.38 42.75
CA TYR D 36 6.26 -0.99 42.19
C TYR D 36 6.30 -1.02 40.65
N MET D 37 6.51 -2.23 40.13
CA MET D 37 6.62 -2.47 38.72
C MET D 37 5.68 -3.61 38.37
N HIS D 38 4.88 -3.38 37.33
CA HIS D 38 3.84 -4.28 36.92
C HIS D 38 4.00 -4.59 35.43
N TRP D 39 3.51 -5.75 35.02
CA TRP D 39 3.62 -6.21 33.64
C TRP D 39 2.26 -6.66 33.13
N TYR D 40 1.94 -6.21 31.93
CA TYR D 40 0.69 -6.51 31.24
C TYR D 40 1.01 -7.14 29.91
N GLN D 41 0.02 -7.86 29.39
CA GLN D 41 0.07 -8.54 28.11
C GLN D 41 -1.11 -8.04 27.28
N GLN D 42 -0.88 -7.67 26.02
CA GLN D 42 -2.00 -7.19 25.20
C GLN D 42 -2.04 -7.92 23.88
N LYS D 43 -3.22 -8.46 23.59
CA LYS D 43 -3.54 -9.00 22.28
C LYS D 43 -4.37 -8.04 21.44
N PRO D 44 -4.21 -8.14 20.10
CA PRO D 44 -4.84 -7.17 19.21
C PRO D 44 -6.35 -7.17 19.41
N GLY D 45 -6.93 -5.96 19.37
CA GLY D 45 -8.36 -5.75 19.64
C GLY D 45 -8.87 -6.12 21.03
N GLN D 46 -8.00 -6.13 22.03
CA GLN D 46 -8.39 -6.42 23.42
C GLN D 46 -7.68 -5.44 24.35
N PRO D 47 -8.26 -5.19 25.57
CA PRO D 47 -7.53 -4.41 26.57
C PRO D 47 -6.26 -5.15 26.96
N PRO D 48 -5.25 -4.42 27.50
CA PRO D 48 -4.15 -5.10 28.16
C PRO D 48 -4.66 -5.93 29.34
N ARG D 49 -3.89 -6.94 29.68
CA ARG D 49 -4.26 -7.72 30.84
C ARG D 49 -3.11 -7.97 31.77
N LEU D 50 -3.42 -7.90 33.06
CA LEU D 50 -2.43 -7.95 34.12
C LEU D 50 -1.91 -9.37 34.34
N LEU D 51 -0.59 -9.51 34.31
CA LEU D 51 0.13 -10.77 34.50
C LEU D 51 0.98 -10.77 35.80
N LEU D 52 1.81 -9.72 35.96
CA LEU D 52 2.68 -9.59 37.14
C LEU D 52 2.57 -8.21 37.84
N TYR D 53 3.01 -8.22 39.10
CA TYR D 53 2.89 -7.15 40.11
C TYR D 53 3.39 -7.89 41.35
N LEU D 54 4.48 -7.56 42.03
CA LEU D 54 5.12 -6.28 42.16
C LEU D 54 6.55 -6.61 41.81
N GLY D 55 6.89 -6.54 40.53
CA GLY D 55 8.17 -7.03 40.04
C GLY D 55 8.09 -8.50 39.74
N SER D 56 7.53 -9.28 40.67
CA SER D 56 7.69 -10.73 40.71
C SER D 56 6.48 -11.51 41.22
N ASN D 57 5.48 -10.84 41.77
CA ASN D 57 4.28 -11.59 42.16
C ASN D 57 3.43 -11.82 40.93
N LEU D 58 2.66 -12.89 40.96
CA LEU D 58 2.04 -13.45 39.78
C LEU D 58 0.55 -13.28 39.95
N GLU D 59 -0.14 -12.78 38.93
CA GLU D 59 -1.59 -12.55 39.05
C GLU D 59 -2.35 -13.87 39.08
N SER D 60 -3.53 -13.84 39.70
CA SER D 60 -4.39 -15.02 39.81
C SER D 60 -4.94 -15.50 38.46
N GLY D 61 -4.66 -16.75 38.11
CA GLY D 61 -5.16 -17.36 36.87
C GLY D 61 -4.12 -17.42 35.77
N VAL D 62 -3.01 -16.71 35.98
CA VAL D 62 -1.99 -16.55 34.97
C VAL D 62 -0.94 -17.68 35.10
N PRO D 63 -0.74 -18.47 34.03
CA PRO D 63 0.17 -19.63 34.05
C PRO D 63 1.55 -19.40 34.65
N ALA D 64 2.12 -20.47 35.20
CA ALA D 64 3.36 -20.40 35.96
C ALA D 64 4.62 -20.14 35.13
N ARG D 65 4.56 -20.27 33.81
CA ARG D 65 5.74 -20.06 32.95
C ARG D 65 6.13 -18.57 32.81
N PHE D 66 5.30 -17.69 33.34
CA PHE D 66 5.60 -16.25 33.42
C PHE D 66 6.32 -15.91 34.73
N SER D 67 7.48 -15.27 34.65
CA SER D 67 8.18 -14.84 35.85
C SER D 67 8.90 -13.49 35.69
N GLY D 68 8.94 -12.75 36.80
CA GLY D 68 9.47 -11.39 36.85
C GLY D 68 10.57 -11.21 37.86
N SER D 69 11.56 -10.43 37.50
CA SER D 69 12.78 -10.34 38.26
C SER D 69 13.17 -8.87 38.33
N GLY D 70 13.82 -8.48 39.42
CA GLY D 70 14.42 -7.15 39.51
C GLY D 70 14.12 -6.31 40.74
N SER D 71 14.83 -5.19 40.82
CA SER D 71 14.73 -4.24 41.92
C SER D 71 15.44 -3.00 41.42
N GLY D 72 14.99 -1.81 41.85
CA GLY D 72 15.71 -0.58 41.50
C GLY D 72 15.41 -0.08 40.09
N THR D 73 16.43 0.08 39.24
CA THR D 73 16.18 0.53 37.86
C THR D 73 15.82 -0.66 36.93
N ASP D 74 16.68 -1.69 36.83
CA ASP D 74 16.54 -2.74 35.80
C ASP D 74 15.55 -3.87 36.20
N PHE D 75 14.57 -4.14 35.31
CA PHE D 75 13.55 -5.18 35.51
C PHE D 75 13.38 -6.07 34.27
N THR D 76 12.97 -7.32 34.49
CA THR D 76 13.06 -8.34 33.45
C THR D 76 11.86 -9.28 33.50
N LEU D 77 11.16 -9.41 32.37
CA LEU D 77 10.08 -10.38 32.22
C LEU D 77 10.61 -11.57 31.43
N ASN D 78 10.39 -12.75 32.00
CA ASN D 78 10.81 -14.04 31.45
C ASN D 78 9.61 -14.96 31.20
N ILE D 79 9.60 -15.59 30.03
CA ILE D 79 8.56 -16.56 29.65
C ILE D 79 9.21 -17.84 29.14
N PRO D 81 8.35 -22.02 29.37
CA PRO D 81 8.44 -22.18 27.91
C PRO D 81 7.37 -21.41 27.12
N VAL D 82 7.73 -20.70 26.05
CA VAL D 82 6.71 -19.97 25.30
C VAL D 82 5.72 -20.94 24.66
N GLU D 83 4.44 -20.60 24.68
CA GLU D 83 3.40 -21.31 23.97
C GLU D 83 2.77 -20.36 22.92
N GLU D 84 1.91 -20.90 22.06
CA GLU D 84 1.36 -20.13 20.94
C GLU D 84 0.58 -18.93 21.42
N GLU D 85 -0.24 -19.14 22.44
CA GLU D 85 -1.10 -18.10 22.99
C GLU D 85 -0.33 -16.90 23.61
N ASP D 86 1.00 -16.94 23.61
CA ASP D 86 1.81 -15.85 24.17
C ASP D 86 2.18 -14.80 23.15
N ALA D 87 1.86 -15.01 21.87
CA ALA D 87 2.05 -13.97 20.84
C ALA D 87 1.18 -12.78 21.26
N ALA D 88 1.81 -11.63 21.42
CA ALA D 88 1.18 -10.49 22.08
C ALA D 88 2.25 -9.47 22.31
N THR D 89 1.83 -8.27 22.73
CA THR D 89 2.77 -7.22 23.12
C THR D 89 2.73 -7.07 24.62
N TYR D 90 3.91 -6.94 25.23
CA TYR D 90 4.07 -6.86 26.66
C TYR D 90 4.45 -5.47 27.12
N TYR D 91 3.91 -5.02 28.25
CA TYR D 91 4.25 -3.68 28.75
C TYR D 91 4.62 -3.70 30.22
N CYS D 92 5.69 -3.00 30.56
CA CYS D 92 5.95 -2.65 31.94
C CYS D 92 5.28 -1.32 32.33
N GLN D 93 4.88 -1.24 33.60
CA GLN D 93 4.31 -0.01 34.18
C GLN D 93 4.61 0.13 35.66
N HIS D 94 5.06 1.32 36.07
CA HIS D 94 5.29 1.61 37.47
C HIS D 94 4.11 2.32 38.12
N ILE D 95 4.00 2.14 39.43
CA ILE D 95 3.10 2.95 40.23
C ILE D 95 3.84 3.53 41.43
N ARG D 96 5.14 3.78 41.27
CA ARG D 96 5.94 4.37 42.33
C ARG D 96 5.39 5.73 42.68
N GLU D 97 5.12 6.53 41.65
CA GLU D 97 4.72 7.90 41.81
C GLU D 97 3.91 8.40 40.62
N LEU D 98 3.27 9.52 40.85
CA LEU D 98 2.50 10.17 39.83
C LEU D 98 3.46 11.09 39.10
N THR D 99 3.62 10.94 37.80
CA THR D 99 2.68 10.28 36.92
C THR D 99 3.04 8.80 36.63
N ARG D 100 2.02 7.91 36.59
CA ARG D 100 2.24 6.53 36.10
C ARG D 100 2.75 6.65 34.69
N SER D 101 3.68 5.77 34.32
CA SER D 101 4.15 5.70 32.95
C SER D 101 4.35 4.24 32.58
N PHE D 102 4.38 3.99 31.27
CA PHE D 102 4.58 2.64 30.69
C PHE D 102 5.84 2.55 29.87
N GLY D 103 6.41 1.35 29.81
CA GLY D 103 7.38 1.02 28.76
C GLY D 103 6.74 1.18 27.39
N GLY D 104 7.58 1.29 26.37
CA GLY D 104 7.14 1.40 24.97
C GLY D 104 6.60 0.15 24.33
N GLY D 105 6.70 -1.00 25.01
CA GLY D 105 6.14 -2.28 24.52
C GLY D 105 7.18 -3.22 23.92
N THR D 106 6.98 -4.52 24.11
CA THR D 106 7.76 -5.52 23.39
C THR D 106 6.81 -6.52 22.74
N LYS D 107 6.86 -6.60 21.42
CA LYS D 107 5.99 -7.48 20.70
C LYS D 107 6.70 -8.80 20.56
N LEU D 108 6.14 -9.84 21.15
CA LEU D 108 6.65 -11.21 21.05
C LEU D 108 5.97 -11.96 19.88
N GLU D 109 6.80 -12.52 18.99
CA GLU D 109 6.37 -13.33 17.83
C GLU D 109 6.80 -14.78 18.07
N ILE D 110 5.90 -15.73 17.87
CA ILE D 110 6.19 -17.12 18.15
C ILE D 110 6.66 -17.84 16.85
N LYS D 111 7.88 -18.37 16.84
CA LYS D 111 8.39 -19.08 15.65
C LYS D 111 7.67 -20.40 15.45
N ARG D 112 7.63 -20.81 14.20
CA ARG D 112 7.04 -22.07 13.84
C ARG D 112 7.58 -22.53 12.50
N ALA D 113 7.24 -23.78 12.18
CA ALA D 113 7.52 -24.33 10.86
C ALA D 113 6.80 -23.51 9.75
N ASP D 114 7.51 -23.21 8.66
CA ASP D 114 6.93 -22.67 7.43
C ASP D 114 5.59 -23.36 7.04
N ALA D 115 4.62 -22.58 6.55
CA ALA D 115 3.32 -23.13 6.12
C ALA D 115 2.77 -22.37 4.93
N ALA D 116 2.31 -23.11 3.91
CA ALA D 116 1.81 -22.48 2.72
C ALA D 116 0.37 -21.97 2.99
N PRO D 117 -0.02 -20.86 2.36
CA PRO D 117 -1.38 -20.34 2.55
C PRO D 117 -2.47 -21.24 1.98
N THR D 118 -3.59 -21.32 2.68
CA THR D 118 -4.81 -21.89 2.13
C THR D 118 -5.51 -20.77 1.39
N VAL D 119 -5.58 -20.86 0.07
CA VAL D 119 -6.14 -19.76 -0.74
C VAL D 119 -7.63 -20.04 -1.07
N SER D 120 -8.49 -19.04 -0.82
CA SER D 120 -9.91 -19.17 -1.20
C SER D 120 -10.36 -17.90 -1.95
N ILE D 121 -11.04 -18.08 -3.09
CA ILE D 121 -11.56 -16.98 -3.88
C ILE D 121 -13.08 -16.91 -3.82
N PHE D 122 -13.61 -15.71 -3.65
CA PHE D 122 -15.07 -15.50 -3.61
C PHE D 122 -15.58 -14.45 -4.63
N PRO D 123 -16.54 -14.85 -5.47
CA PRO D 123 -17.18 -13.88 -6.38
C PRO D 123 -17.95 -12.85 -5.61
N PRO D 124 -18.24 -11.68 -6.22
CA PRO D 124 -19.05 -10.72 -5.49
C PRO D 124 -20.43 -11.34 -5.19
N SER D 125 -21.06 -10.96 -4.08
CA SER D 125 -22.41 -11.46 -3.74
C SER D 125 -23.50 -10.85 -4.62
N SER D 126 -24.63 -11.55 -4.77
CA SER D 126 -25.79 -10.97 -5.48
C SER D 126 -26.11 -9.62 -4.85
N GLU D 127 -26.19 -9.61 -3.52
CA GLU D 127 -26.54 -8.41 -2.79
C GLU D 127 -25.65 -7.21 -3.11
N GLN D 128 -24.34 -7.43 -3.23
CA GLN D 128 -23.47 -6.32 -3.65
C GLN D 128 -23.72 -5.96 -5.10
N LEU D 129 -23.84 -6.96 -5.98
CA LEU D 129 -23.96 -6.71 -7.43
C LEU D 129 -25.18 -5.88 -7.84
N THR D 130 -26.23 -5.88 -7.01
CA THR D 130 -27.35 -4.93 -7.20
C THR D 130 -26.99 -3.49 -6.77
N SER D 131 -25.89 -3.31 -6.06
CA SER D 131 -25.51 -1.97 -5.65
C SER D 131 -24.79 -1.22 -6.77
N GLY D 132 -24.29 -1.94 -7.78
CA GLY D 132 -23.45 -1.34 -8.80
C GLY D 132 -21.97 -1.41 -8.47
N GLY D 133 -21.65 -2.00 -7.31
CA GLY D 133 -20.27 -2.31 -6.91
C GLY D 133 -20.09 -3.82 -7.04
N ALA D 134 -18.85 -4.27 -7.14
CA ALA D 134 -18.51 -5.68 -7.22
C ALA D 134 -17.14 -5.94 -6.59
N SER D 135 -17.11 -6.48 -5.39
CA SER D 135 -15.83 -6.81 -4.75
C SER D 135 -15.54 -8.31 -4.95
N VAL D 136 -14.34 -8.60 -5.43
CA VAL D 136 -13.91 -9.97 -5.53
C VAL D 136 -12.93 -10.19 -4.37
N VAL D 137 -13.14 -11.23 -3.56
CA VAL D 137 -12.36 -11.41 -2.31
C VAL D 137 -11.51 -12.65 -2.30
N CYS D 138 -10.28 -12.52 -1.80
CA CYS D 138 -9.40 -13.65 -1.76
C CYS D 138 -8.75 -13.75 -0.40
N PHE D 139 -8.91 -14.90 0.24
CA PHE D 139 -8.29 -15.17 1.52
C PHE D 139 -7.02 -16.00 1.34
N LEU D 140 -5.90 -15.50 1.82
CA LEU D 140 -4.67 -16.26 1.92
C LEU D 140 -4.48 -16.59 3.39
N ASN D 141 -4.81 -17.80 3.81
CA ASN D 141 -4.98 -18.04 5.25
C ASN D 141 -3.98 -19.00 5.83
N ASN D 142 -3.63 -18.75 7.09
CA ASN D 142 -2.83 -19.69 7.90
C ASN D 142 -1.47 -20.05 7.32
N PHE D 143 -0.71 -19.03 6.94
CA PHE D 143 0.66 -19.17 6.42
C PHE D 143 1.78 -18.62 7.38
N TYR D 144 3.02 -19.03 7.12
CA TYR D 144 4.19 -18.58 7.89
C TYR D 144 5.45 -18.80 7.07
N PRO D 145 6.34 -17.79 7.01
CA PRO D 145 6.36 -16.46 7.66
C PRO D 145 5.44 -15.40 7.04
N LYS D 146 5.40 -14.24 7.69
CA LYS D 146 4.40 -13.19 7.42
C LYS D 146 4.41 -12.60 6.02
N ASP D 147 5.55 -12.62 5.34
CA ASP D 147 5.61 -11.98 4.03
C ASP D 147 4.90 -12.83 2.98
N ILE D 148 4.23 -12.18 2.04
CA ILE D 148 3.42 -12.87 1.04
C ILE D 148 3.04 -11.87 -0.03
N ASN D 149 2.90 -12.36 -1.27
CA ASN D 149 2.45 -11.48 -2.33
C ASN D 149 1.25 -12.08 -3.09
N VAL D 150 0.31 -11.21 -3.47
CA VAL D 150 -0.86 -11.61 -4.24
C VAL D 150 -0.90 -10.86 -5.59
N LYS D 151 -1.24 -11.57 -6.63
CA LYS D 151 -1.50 -11.02 -7.94
C LYS D 151 -2.91 -11.40 -8.39
N TRP D 152 -3.63 -10.39 -8.90
CA TRP D 152 -4.97 -10.56 -9.45
C TRP D 152 -4.92 -10.62 -10.98
N LYS D 153 -5.62 -11.58 -11.58
CA LYS D 153 -5.82 -11.63 -13.03
C LYS D 153 -7.31 -11.65 -13.39
N ILE D 154 -7.64 -10.76 -14.32
CA ILE D 154 -8.93 -10.69 -14.95
C ILE D 154 -8.76 -11.15 -16.41
N ASP D 155 -9.42 -12.26 -16.77
CA ASP D 155 -9.30 -12.88 -18.11
C ASP D 155 -7.84 -13.14 -18.51
N GLY D 156 -7.01 -13.51 -17.54
CA GLY D 156 -5.61 -13.81 -17.77
C GLY D 156 -4.66 -12.62 -17.84
N SER D 157 -5.16 -11.40 -17.68
CA SER D 157 -4.29 -10.21 -17.67
C SER D 157 -4.17 -9.71 -16.25
N GLU D 158 -2.95 -9.43 -15.81
CA GLU D 158 -2.73 -8.85 -14.49
C GLU D 158 -3.59 -7.59 -14.34
N ARG D 159 -4.14 -7.41 -13.14
CA ARG D 159 -4.87 -6.22 -12.74
C ARG D 159 -4.20 -5.65 -11.49
N GLN D 160 -3.98 -4.34 -11.46
CA GLN D 160 -3.27 -3.72 -10.31
C GLN D 160 -4.07 -2.69 -9.53
N ASN D 161 -4.82 -1.82 -10.21
CA ASN D 161 -5.72 -0.86 -9.53
C ASN D 161 -6.98 -1.51 -8.89
N GLY D 162 -7.49 -0.90 -7.82
CA GLY D 162 -8.65 -1.40 -7.10
C GLY D 162 -8.42 -2.54 -6.11
N VAL D 163 -7.16 -2.90 -5.82
CA VAL D 163 -6.83 -3.96 -4.88
C VAL D 163 -6.48 -3.35 -3.53
N LEU D 164 -7.11 -3.83 -2.46
CA LEU D 164 -6.70 -3.44 -1.11
C LEU D 164 -6.51 -4.70 -0.26
N ASN D 165 -5.43 -4.68 0.52
CA ASN D 165 -4.95 -5.84 1.25
C ASN D 165 -4.95 -5.55 2.72
N SER D 166 -5.20 -6.58 3.53
CA SER D 166 -5.20 -6.48 4.98
C SER D 166 -4.58 -7.74 5.57
N TRP D 167 -3.69 -7.57 6.56
CA TRP D 167 -3.00 -8.68 7.22
C TRP D 167 -3.38 -8.82 8.69
N THR D 168 -3.64 -10.05 9.19
CA THR D 168 -3.89 -10.25 10.62
C THR D 168 -2.57 -10.23 11.39
N ASP D 169 -2.62 -9.98 12.70
CA ASP D 169 -1.47 -10.33 13.53
C ASP D 169 -1.52 -11.82 13.82
N GLN D 170 -0.40 -12.32 14.33
CA GLN D 170 -0.17 -13.73 14.54
C GLN D 170 -1.30 -14.40 15.31
N ASP D 171 -1.72 -15.54 14.80
CA ASP D 171 -2.80 -16.32 15.37
C ASP D 171 -2.40 -16.91 16.71
N SER D 172 -3.33 -16.89 17.66
CA SER D 172 -3.08 -17.34 19.05
C SER D 172 -2.94 -18.84 19.26
N LYS D 173 -3.47 -19.64 18.32
CA LYS D 173 -3.47 -21.10 18.43
C LYS D 173 -2.39 -21.81 17.59
N ASP D 174 -2.14 -21.33 16.36
CA ASP D 174 -1.21 -22.04 15.47
C ASP D 174 -0.04 -21.19 14.97
N SER D 175 0.05 -19.95 15.45
CA SER D 175 1.17 -19.05 15.16
C SER D 175 1.34 -18.62 13.70
N THR D 176 0.30 -18.83 12.86
CA THR D 176 0.32 -18.39 11.48
C THR D 176 -0.20 -16.94 11.30
N TYR D 177 -0.04 -16.43 10.08
CA TYR D 177 -0.55 -15.14 9.67
C TYR D 177 -1.59 -15.36 8.55
N SER D 178 -2.47 -14.39 8.36
CA SER D 178 -3.39 -14.46 7.26
C SER D 178 -3.51 -13.10 6.57
N MET D 179 -4.03 -13.14 5.36
CA MET D 179 -4.14 -11.95 4.55
C MET D 179 -5.40 -12.03 3.68
N SER D 180 -6.15 -10.95 3.67
CA SER D 180 -7.30 -10.77 2.81
C SER D 180 -6.93 -9.79 1.72
N SER D 181 -7.17 -10.19 0.46
CA SER D 181 -7.09 -9.28 -0.71
C SER D 181 -8.45 -9.06 -1.40
N THR D 182 -8.80 -7.79 -1.56
CA THR D 182 -10.06 -7.38 -2.20
C THR D 182 -9.79 -6.52 -3.44
N LEU D 183 -10.33 -6.99 -4.56
CA LEU D 183 -10.34 -6.30 -5.82
C LEU D 183 -11.75 -5.72 -6.02
N THR D 184 -11.86 -4.41 -6.07
CA THR D 184 -13.15 -3.75 -6.17
C THR D 184 -13.33 -3.13 -7.55
N LEU D 185 -14.41 -3.57 -8.20
CA LEU D 185 -14.78 -3.14 -9.54
C LEU D 185 -16.15 -2.48 -9.49
N THR D 186 -16.54 -1.90 -10.61
CA THR D 186 -17.94 -1.53 -10.87
C THR D 186 -18.68 -2.79 -11.28
N LYS D 187 -20.00 -2.80 -11.13
CA LYS D 187 -20.84 -3.88 -11.65
C LYS D 187 -20.55 -4.08 -13.16
N ASP D 188 -20.52 -2.98 -13.90
CA ASP D 188 -20.30 -3.03 -15.34
C ASP D 188 -18.94 -3.70 -15.69
N GLU D 189 -17.84 -3.23 -15.08
CA GLU D 189 -16.49 -3.84 -15.28
C GLU D 189 -16.49 -5.31 -14.98
N TYR D 190 -17.10 -5.67 -13.86
CA TYR D 190 -17.15 -7.05 -13.46
C TYR D 190 -17.89 -7.89 -14.48
N GLU D 191 -18.99 -7.37 -15.03
CA GLU D 191 -19.77 -8.14 -15.99
C GLU D 191 -19.12 -8.17 -17.38
N ARG D 192 -18.19 -7.26 -17.64
CA ARG D 192 -17.47 -7.28 -18.92
C ARG D 192 -16.43 -8.39 -19.03
N HIS D 193 -16.19 -9.15 -17.96
CA HIS D 193 -15.15 -10.20 -17.99
C HIS D 193 -15.64 -11.48 -17.33
N ASN D 194 -15.09 -12.61 -17.77
CA ASN D 194 -15.49 -13.94 -17.31
C ASN D 194 -14.58 -14.53 -16.21
N SER D 195 -13.26 -14.49 -16.43
CA SER D 195 -12.29 -15.21 -15.58
C SER D 195 -11.59 -14.29 -14.57
N TYR D 196 -11.60 -14.68 -13.29
CA TYR D 196 -11.02 -13.92 -12.16
C TYR D 196 -10.13 -14.84 -11.35
N THR D 197 -8.91 -14.40 -11.11
CA THR D 197 -7.86 -15.27 -10.63
C THR D 197 -7.08 -14.59 -9.51
N CYS D 198 -6.86 -15.36 -8.44
CA CYS D 198 -6.08 -14.98 -7.29
C CYS D 198 -4.79 -15.82 -7.26
N GLU D 199 -3.62 -15.18 -7.17
CA GLU D 199 -2.35 -15.92 -7.18
C GLU D 199 -1.47 -15.52 -5.99
N ALA D 200 -1.15 -16.52 -5.17
CA ALA D 200 -0.47 -16.30 -3.93
C ALA D 200 0.96 -16.84 -4.06
N THR D 201 1.93 -15.94 -3.97
CA THR D 201 3.34 -16.34 -3.93
C THR D 201 3.90 -16.14 -2.54
N HIS D 202 4.45 -17.21 -1.98
CA HIS D 202 4.97 -17.26 -0.61
C HIS D 202 6.28 -18.08 -0.60
N LYS D 203 7.16 -17.84 0.38
CA LYS D 203 8.44 -18.59 0.52
C LYS D 203 8.34 -20.13 0.40
N THR D 204 7.19 -20.71 0.76
CA THR D 204 6.99 -22.14 0.73
C THR D 204 7.08 -22.79 -0.67
N SER D 205 6.90 -22.02 -1.73
CA SER D 205 7.06 -22.56 -3.10
C SER D 205 7.41 -21.47 -4.10
N THR D 206 8.13 -21.84 -5.15
CA THR D 206 8.38 -20.92 -6.24
C THR D 206 7.15 -20.88 -7.17
N SER D 207 6.29 -21.89 -7.04
CA SER D 207 5.02 -21.95 -7.78
C SER D 207 3.88 -21.25 -7.02
N PRO D 208 3.11 -20.39 -7.72
CA PRO D 208 2.01 -19.74 -7.04
C PRO D 208 0.88 -20.72 -6.74
N ILE D 209 0.17 -20.48 -5.64
CA ILE D 209 -1.11 -21.11 -5.38
C ILE D 209 -2.15 -20.26 -6.10
N VAL D 210 -2.87 -20.92 -7.01
CA VAL D 210 -3.78 -20.25 -7.93
C VAL D 210 -5.18 -20.74 -7.61
N LYS D 211 -6.08 -19.77 -7.43
CA LYS D 211 -7.54 -20.02 -7.34
C LYS D 211 -8.28 -19.11 -8.30
N SER D 212 -9.31 -19.66 -8.94
CA SER D 212 -10.06 -18.97 -9.97
C SER D 212 -11.55 -19.30 -9.89
N PHE D 213 -12.35 -18.44 -10.53
CA PHE D 213 -13.71 -18.80 -10.93
C PHE D 213 -14.05 -18.13 -12.26
N ASN D 214 -15.06 -18.67 -12.94
CA ASN D 214 -15.65 -18.08 -14.14
C ASN D 214 -17.10 -17.64 -13.91
N ARG D 215 -17.38 -16.38 -14.25
CA ARG D 215 -18.72 -15.81 -14.57
C ARG D 215 -18.77 -14.34 -14.13
N ASN D 216 -19.51 -13.53 -14.87
CA ASN D 216 -19.49 -12.07 -14.73
C ASN D 216 -20.00 -11.55 -16.05
N CYS E 2 12.81 -16.96 -56.16
CA CYS E 2 12.04 -15.78 -55.65
C CYS E 2 10.60 -16.13 -55.49
N GLN E 3 9.95 -15.54 -54.49
CA GLN E 3 8.50 -15.72 -54.31
C GLN E 3 7.77 -14.58 -53.56
N LEU E 4 6.48 -14.40 -53.89
CA LEU E 4 5.63 -13.37 -53.27
C LEU E 4 5.15 -13.86 -51.93
N ILE E 5 5.44 -13.10 -50.87
CA ILE E 5 4.93 -13.45 -49.55
C ILE E 5 3.97 -12.38 -49.03
N ASN E 6 2.76 -12.81 -48.68
CA ASN E 6 1.73 -11.90 -48.17
C ASN E 6 1.79 -11.84 -46.64
N THR E 7 2.23 -10.70 -46.11
CA THR E 7 2.20 -10.42 -44.68
C THR E 7 0.93 -9.61 -44.44
N ASN E 8 0.71 -8.65 -45.33
CA ASN E 8 -0.63 -8.13 -45.71
C ASN E 8 -0.51 -6.84 -46.52
N GLY E 9 0.62 -6.16 -46.36
CA GLY E 9 1.14 -5.59 -47.60
C GLY E 9 1.71 -6.78 -48.34
N SER E 10 2.85 -6.64 -48.99
CA SER E 10 3.49 -7.76 -49.69
C SER E 10 4.98 -7.57 -49.91
N TRP E 11 5.69 -8.69 -50.07
CA TRP E 11 7.14 -8.71 -50.22
C TRP E 11 7.59 -9.70 -51.31
N HIS E 12 8.57 -9.30 -52.11
CA HIS E 12 9.22 -10.19 -53.07
C HIS E 12 10.60 -10.58 -52.56
N ILE E 13 10.74 -11.86 -52.21
CA ILE E 13 11.96 -12.35 -51.56
C ILE E 13 12.61 -13.43 -52.42
N CYS E 14 13.89 -13.21 -52.74
CA CYS E 14 14.64 -14.13 -53.60
C CYS E 14 15.64 -14.93 -52.77
N CYS F 2 9.54 0.07 59.74
CA CYS F 2 8.79 0.47 58.51
C CYS F 2 8.96 1.97 58.26
N GLN F 3 8.54 2.42 57.09
CA GLN F 3 8.57 3.86 56.76
C GLN F 3 7.61 4.21 55.62
N LEU F 4 6.95 5.36 55.77
CA LEU F 4 5.83 5.78 54.91
C LEU F 4 6.30 6.15 53.51
N ILE F 5 5.58 5.65 52.51
CA ILE F 5 5.86 6.01 51.12
C ILE F 5 4.60 6.53 50.41
N ASN F 6 4.76 7.63 49.66
CA ASN F 6 3.65 8.23 48.92
C ASN F 6 3.76 7.83 47.44
N THR F 7 2.74 7.11 46.96
CA THR F 7 2.59 6.82 45.53
C THR F 7 1.65 7.94 45.08
N ASN F 8 0.44 7.93 45.67
CA ASN F 8 -0.37 9.15 45.88
C ASN F 8 -1.58 8.85 46.77
N GLY F 9 -2.04 7.61 46.73
CA GLY F 9 -2.51 7.11 48.01
C GLY F 9 -1.19 6.87 48.75
N SER F 10 -1.14 5.92 49.68
CA SER F 10 0.16 5.58 50.30
C SER F 10 0.19 4.24 51.01
N TRP F 11 1.41 3.77 51.27
CA TRP F 11 1.66 2.40 51.69
C TRP F 11 2.72 2.39 52.80
N HIS F 12 2.56 1.47 53.75
CA HIS F 12 3.54 1.31 54.80
C HIS F 12 4.39 0.06 54.54
N ILE F 13 5.70 0.27 54.38
CA ILE F 13 6.64 -0.78 53.92
C ILE F 13 7.58 -1.17 55.06
N CYS F 14 7.41 -2.40 55.57
CA CYS F 14 8.08 -2.86 56.79
C CYS F 14 9.30 -3.74 56.53
#